data_1ZAG
#
_entry.id   1ZAG
#
_cell.length_a   105.600
_cell.length_b   131.700
_cell.length_c   118.500
_cell.angle_alpha   90.00
_cell.angle_beta   90.00
_cell.angle_gamma   90.00
#
_symmetry.space_group_name_H-M   'P 21 21 2'
#
loop_
_entity.id
_entity.type
_entity.pdbx_description
1 polymer 'PROTEIN (ZINC-ALPHA-2-GLYCOPROTEIN)'
2 branched 2-acetamido-2-deoxy-beta-D-glucopyranose-(1-2)-alpha-D-mannopyranose-(1-3)-[2-acetamido-2-deoxy-beta-D-glucopyranose-(1-2)-alpha-D-mannopyranose-(1-6)]beta-D-mannopyranose-(1-4)-2-acetamido-2-deoxy-beta-D-glucopyranose-(1-4)-2-acetamido-2-deoxy-beta-D-glucopyranose
3 branched 'N-acetyl-alpha-neuraminic acid-(2-6)-beta-D-galactopyranose-(1-4)-2-acetamido-2-deoxy-beta-D-glucopyranose-(1-2)-alpha-D-mannopyranose-(1-6)-[2-acetamido-2-deoxy-beta-D-glucopyranose-(1-2)-alpha-D-mannopyranose-(1-3)]beta-D-mannopyranose-(1-4)-2-acetamido-2-deoxy-beta-D-glucopyranose-(1-4)-2-acetamido-2-deoxy-beta-D-glucopyranose'
4 branched 2-acetamido-2-deoxy-beta-D-glucopyranose-(1-4)-2-acetamido-2-deoxy-beta-D-glucopyranose
5 branched beta-D-mannopyranose-(1-4)-2-acetamido-2-deoxy-beta-D-glucopyranose-(1-4)-2-acetamido-2-deoxy-beta-D-glucopyranose
6 non-polymer 2-acetamido-2-deoxy-beta-D-glucopyranose
7 water water
#
_entity_poly.entity_id   1
_entity_poly.type   'polypeptide(L)'
_entity_poly.pdbx_seq_one_letter_code
;DGRYSLTYIYTGLSKHVEDVPAFQALGSLNDLQFFRYNSKDRKSQPMGLWRQVEGMEDWKQDSQLQKAREDIFMETLKDI
VEYYNDSNGSHVLQGRFGCEIENNRSSGAFWKYYYDGKDYIEFNKEIPAWVPFDPAAQITKQKWEAEPVYVQRAKAYLEE
ECPATLRKYLKYSKNILDRQDPPSVVVTSHQAPGEKKKLKCLAYDFYPGKIDVHWTRAGEVQEPELRGDVLHNGNGTYQS
WVVVAVPPQDTAPYSCHVQHSSLAQPLVVPWEAS
;
_entity_poly.pdbx_strand_id   A,B,C,D
#
# COMPACT_ATOMS: atom_id res chain seq x y z
N ASP A 1 0.88 -39.15 16.40
CA ASP A 1 0.21 -40.14 17.29
C ASP A 1 -0.89 -40.89 16.54
N GLY A 2 -2.04 -41.05 17.19
CA GLY A 2 -3.14 -41.76 16.57
C GLY A 2 -4.31 -40.85 16.24
N ARG A 3 -5.47 -41.47 16.04
CA ARG A 3 -6.67 -40.71 15.72
C ARG A 3 -7.42 -40.29 16.95
N TYR A 4 -7.87 -39.04 16.92
CA TYR A 4 -8.62 -38.47 18.01
C TYR A 4 -9.70 -37.64 17.39
N SER A 5 -10.89 -37.71 17.96
CA SER A 5 -12.01 -36.98 17.44
C SER A 5 -12.79 -36.25 18.52
N LEU A 6 -13.30 -35.09 18.15
CA LEU A 6 -14.13 -34.27 19.01
C LEU A 6 -15.50 -34.23 18.36
N THR A 7 -16.54 -34.63 19.09
CA THR A 7 -17.85 -34.67 18.49
C THR A 7 -18.93 -34.09 19.35
N TYR A 8 -19.87 -33.38 18.73
CA TYR A 8 -20.99 -32.79 19.46
C TYR A 8 -22.30 -33.20 18.82
N ILE A 9 -23.32 -33.41 19.66
CA ILE A 9 -24.65 -33.77 19.19
C ILE A 9 -25.69 -32.97 19.91
N TYR A 10 -26.42 -32.17 19.14
CA TYR A 10 -27.50 -31.33 19.65
C TYR A 10 -28.82 -31.91 19.20
N THR A 11 -29.78 -32.00 20.12
CA THR A 11 -31.07 -32.55 19.80
C THR A 11 -32.17 -31.65 20.35
N GLY A 12 -33.06 -31.18 19.46
CA GLY A 12 -34.14 -30.31 19.89
C GLY A 12 -35.51 -30.83 19.54
N LEU A 13 -36.48 -30.63 20.44
CA LEU A 13 -37.86 -31.07 20.23
C LEU A 13 -38.83 -29.90 20.21
N SER A 14 -39.65 -29.81 19.16
CA SER A 14 -40.62 -28.72 19.08
C SER A 14 -41.65 -28.86 20.18
N LYS A 15 -41.99 -30.10 20.51
CA LYS A 15 -42.97 -30.40 21.56
C LYS A 15 -42.39 -31.54 22.40
N HIS A 16 -42.26 -31.32 23.70
CA HIS A 16 -41.69 -32.33 24.58
C HIS A 16 -42.49 -32.42 25.90
N VAL A 17 -42.42 -33.53 26.64
CA VAL A 17 -43.17 -33.61 27.92
C VAL A 17 -42.35 -32.89 29.00
N GLU A 18 -42.95 -32.66 30.17
CA GLU A 18 -42.25 -31.91 31.23
C GLU A 18 -40.88 -32.40 31.69
N ASP A 19 -40.71 -33.70 31.96
CA ASP A 19 -39.41 -34.23 32.38
C ASP A 19 -38.38 -33.97 31.30
N VAL A 20 -38.73 -34.44 30.10
CA VAL A 20 -37.91 -34.35 28.91
C VAL A 20 -37.49 -32.93 28.50
N PRO A 21 -36.18 -32.63 28.62
CA PRO A 21 -35.76 -31.29 28.21
C PRO A 21 -35.86 -31.11 26.70
N ALA A 22 -36.28 -29.92 26.28
CA ALA A 22 -36.44 -29.59 24.86
C ALA A 22 -35.13 -29.66 24.09
N PHE A 23 -34.06 -29.19 24.71
CA PHE A 23 -32.75 -29.20 24.08
C PHE A 23 -31.73 -30.04 24.87
N GLN A 24 -30.96 -30.85 24.15
CA GLN A 24 -29.93 -31.66 24.80
C GLN A 24 -28.67 -31.68 23.97
N ALA A 25 -27.56 -31.48 24.65
CA ALA A 25 -26.26 -31.43 24.00
C ALA A 25 -25.31 -32.43 24.64
N LEU A 26 -24.46 -33.03 23.84
CA LEU A 26 -23.50 -33.96 24.39
C LEU A 26 -22.27 -34.00 23.52
N GLY A 27 -21.12 -34.08 24.20
CA GLY A 27 -19.85 -34.11 23.50
C GLY A 27 -19.06 -35.37 23.78
N SER A 28 -18.30 -35.80 22.79
CA SER A 28 -17.49 -36.99 22.94
C SER A 28 -16.11 -36.80 22.38
N LEU A 29 -15.18 -37.55 22.97
CA LEU A 29 -13.79 -37.57 22.55
C LEU A 29 -13.68 -39.05 22.22
N ASN A 30 -13.40 -39.35 20.95
CA ASN A 30 -13.33 -40.74 20.52
C ASN A 30 -14.65 -41.43 20.89
N ASP A 31 -14.57 -42.59 21.52
CA ASP A 31 -15.77 -43.34 21.89
C ASP A 31 -16.43 -42.89 23.21
N LEU A 32 -15.78 -42.02 23.98
CA LEU A 32 -16.33 -41.63 25.27
C LEU A 32 -16.99 -40.26 25.31
N GLN A 33 -18.06 -40.15 26.11
CA GLN A 33 -18.79 -38.89 26.29
C GLN A 33 -18.14 -38.17 27.45
N PHE A 34 -17.65 -36.95 27.19
CA PHE A 34 -16.99 -36.21 28.25
C PHE A 34 -17.85 -35.12 28.90
N PHE A 35 -19.00 -34.80 28.30
CA PHE A 35 -19.86 -33.77 28.88
C PHE A 35 -21.26 -33.76 28.31
N ARG A 36 -22.17 -33.12 29.02
CA ARG A 36 -23.55 -33.02 28.59
C ARG A 36 -24.10 -31.65 28.97
N TYR A 37 -25.35 -31.40 28.61
CA TYR A 37 -26.01 -30.13 28.90
C TYR A 37 -27.44 -30.21 28.39
N ASN A 38 -28.39 -29.74 29.18
CA ASN A 38 -29.76 -29.77 28.74
C ASN A 38 -30.46 -28.45 29.06
N SER A 39 -31.54 -28.18 28.33
CA SER A 39 -32.31 -26.95 28.47
C SER A 39 -32.94 -26.74 29.84
N LYS A 40 -33.03 -27.81 30.64
CA LYS A 40 -33.62 -27.69 31.97
C LYS A 40 -32.62 -27.16 32.99
N ASP A 41 -31.51 -27.87 33.17
CA ASP A 41 -30.49 -27.45 34.13
C ASP A 41 -29.62 -26.35 33.56
N ARG A 42 -29.64 -26.21 32.24
CA ARG A 42 -28.84 -25.18 31.59
C ARG A 42 -27.40 -25.21 32.09
N LYS A 43 -26.90 -26.40 32.43
CA LYS A 43 -25.53 -26.50 32.91
C LYS A 43 -24.67 -27.53 32.18
N SER A 44 -23.46 -27.11 31.83
CA SER A 44 -22.49 -27.97 31.15
C SER A 44 -21.79 -28.78 32.22
N GLN A 45 -22.07 -30.08 32.26
CA GLN A 45 -21.45 -30.93 33.25
C GLN A 45 -20.58 -32.01 32.63
N PRO A 46 -19.37 -32.20 33.18
CA PRO A 46 -18.44 -33.21 32.68
C PRO A 46 -18.99 -34.60 32.99
N MET A 47 -18.49 -35.61 32.30
CA MET A 47 -18.97 -36.98 32.52
C MET A 47 -17.91 -38.04 32.52
N GLY A 48 -18.33 -39.24 32.92
CA GLY A 48 -17.40 -40.36 32.97
C GLY A 48 -16.10 -40.02 33.67
N LEU A 49 -14.99 -40.35 33.01
CA LEU A 49 -13.68 -40.13 33.55
C LEU A 49 -13.28 -38.65 33.67
N TRP A 50 -13.96 -37.80 32.92
CA TRP A 50 -13.68 -36.37 32.95
C TRP A 50 -14.29 -35.68 34.18
N ARG A 51 -15.17 -36.38 34.87
CA ARG A 51 -15.79 -35.82 36.06
C ARG A 51 -14.73 -35.45 37.08
N GLN A 52 -13.60 -36.13 37.02
CA GLN A 52 -12.53 -35.85 37.98
C GLN A 52 -11.44 -34.98 37.39
N VAL A 53 -11.53 -34.70 36.10
CA VAL A 53 -10.54 -33.88 35.41
C VAL A 53 -10.82 -32.39 35.64
N GLU A 54 -9.80 -31.65 36.07
CA GLU A 54 -9.99 -30.23 36.31
C GLU A 54 -9.07 -29.38 35.45
N GLY A 55 -9.54 -28.19 35.12
CA GLY A 55 -8.75 -27.28 34.31
C GLY A 55 -8.91 -27.52 32.82
N MET A 56 -9.52 -28.63 32.43
CA MET A 56 -9.70 -28.91 31.01
C MET A 56 -10.63 -27.91 30.38
N GLU A 57 -11.74 -27.65 31.07
CA GLU A 57 -12.69 -26.68 30.56
C GLU A 57 -13.40 -25.92 31.68
N ASP A 58 -13.76 -24.68 31.38
CA ASP A 58 -14.48 -23.80 32.29
C ASP A 58 -15.95 -24.14 32.08
N TRP A 59 -16.48 -25.04 32.90
CA TRP A 59 -17.86 -25.45 32.78
C TRP A 59 -18.88 -24.32 32.96
N LYS A 60 -18.50 -23.31 33.74
CA LYS A 60 -19.39 -22.18 33.98
C LYS A 60 -19.54 -21.41 32.68
N GLN A 61 -18.39 -21.04 32.11
CA GLN A 61 -18.35 -20.29 30.86
C GLN A 61 -18.92 -21.06 29.67
N ASP A 62 -18.73 -22.37 29.67
CA ASP A 62 -19.24 -23.18 28.58
C ASP A 62 -20.76 -23.18 28.67
N SER A 63 -21.28 -23.28 29.89
CA SER A 63 -22.72 -23.29 30.10
C SER A 63 -23.36 -22.09 29.37
N GLN A 64 -22.64 -20.97 29.29
CA GLN A 64 -23.13 -19.76 28.63
C GLN A 64 -23.09 -19.95 27.13
N LEU A 65 -22.05 -20.62 26.68
CA LEU A 65 -21.87 -20.91 25.25
C LEU A 65 -23.01 -21.79 24.76
N GLN A 66 -23.37 -22.80 25.56
CA GLN A 66 -24.44 -23.71 25.18
C GLN A 66 -25.77 -22.98 25.16
N LYS A 67 -26.02 -22.18 26.19
CA LYS A 67 -27.25 -21.42 26.30
C LYS A 67 -27.45 -20.61 25.02
N ALA A 68 -26.35 -20.11 24.47
CA ALA A 68 -26.40 -19.34 23.26
C ALA A 68 -26.86 -20.24 22.12
N ARG A 69 -26.06 -21.27 21.86
CA ARG A 69 -26.31 -22.27 20.83
C ARG A 69 -27.75 -22.75 20.90
N GLU A 70 -28.19 -23.04 22.12
CA GLU A 70 -29.54 -23.52 22.36
C GLU A 70 -30.55 -22.61 21.69
N ASP A 71 -30.53 -21.35 22.10
CA ASP A 71 -31.45 -20.36 21.58
C ASP A 71 -31.48 -20.38 20.07
N ILE A 72 -30.30 -20.44 19.48
CA ILE A 72 -30.16 -20.45 18.02
C ILE A 72 -30.69 -21.74 17.40
N PHE A 73 -30.20 -22.88 17.88
CA PHE A 73 -30.61 -24.19 17.39
C PHE A 73 -32.14 -24.31 17.43
N MET A 74 -32.71 -24.04 18.60
CA MET A 74 -34.15 -24.14 18.78
C MET A 74 -34.93 -23.22 17.86
N GLU A 75 -34.39 -22.04 17.61
CA GLU A 75 -35.08 -21.10 16.76
C GLU A 75 -35.14 -21.65 15.34
N THR A 76 -34.05 -22.28 14.93
CA THR A 76 -33.99 -22.86 13.60
C THR A 76 -35.07 -23.91 13.51
N LEU A 77 -35.15 -24.74 14.54
CA LEU A 77 -36.15 -25.78 14.57
C LEU A 77 -37.52 -25.13 14.40
N LYS A 78 -37.71 -24.01 15.10
CA LYS A 78 -38.97 -23.27 15.03
C LYS A 78 -39.29 -22.90 13.58
N ASP A 79 -38.35 -22.23 12.92
CA ASP A 79 -38.55 -21.82 11.54
C ASP A 79 -38.97 -23.00 10.68
N ILE A 80 -38.16 -24.06 10.68
CA ILE A 80 -38.46 -25.25 9.89
C ILE A 80 -39.88 -25.71 10.09
N VAL A 81 -40.26 -25.84 11.36
CA VAL A 81 -41.62 -26.27 11.68
C VAL A 81 -42.63 -25.31 11.08
N GLU A 82 -42.32 -24.02 11.13
CA GLU A 82 -43.23 -23.07 10.54
C GLU A 82 -43.38 -23.36 9.06
N TYR A 83 -42.27 -23.61 8.37
CA TYR A 83 -42.33 -23.88 6.94
C TYR A 83 -43.38 -24.93 6.57
N TYR A 84 -43.31 -26.08 7.22
CA TYR A 84 -44.26 -27.14 6.92
C TYR A 84 -45.61 -26.98 7.58
N ASN A 85 -45.88 -25.78 8.09
CA ASN A 85 -47.17 -25.46 8.74
C ASN A 85 -47.58 -26.47 9.82
N ASP A 86 -46.70 -26.78 10.77
CA ASP A 86 -47.06 -27.74 11.80
C ASP A 86 -46.56 -27.28 13.15
N SER A 87 -46.50 -25.97 13.32
CA SER A 87 -46.02 -25.37 14.55
C SER A 87 -46.48 -26.10 15.82
N ASN A 88 -47.60 -26.82 15.78
CA ASN A 88 -48.03 -27.51 16.98
C ASN A 88 -47.93 -29.03 16.85
N GLY A 89 -46.84 -29.50 16.27
CA GLY A 89 -46.66 -30.93 16.12
C GLY A 89 -45.33 -31.34 16.73
N SER A 90 -45.12 -32.63 16.90
CA SER A 90 -43.86 -33.11 17.46
C SER A 90 -42.82 -33.27 16.36
N HIS A 91 -41.75 -32.49 16.45
CA HIS A 91 -40.69 -32.59 15.47
C HIS A 91 -39.34 -32.52 16.13
N VAL A 92 -38.34 -32.99 15.41
CA VAL A 92 -37.00 -33.05 15.94
C VAL A 92 -35.96 -32.51 15.00
N LEU A 93 -34.99 -31.81 15.57
CA LEU A 93 -33.88 -31.29 14.81
C LEU A 93 -32.64 -31.77 15.51
N GLN A 94 -31.76 -32.41 14.75
CA GLN A 94 -30.55 -32.92 15.33
C GLN A 94 -29.34 -32.39 14.60
N GLY A 95 -28.40 -31.85 15.38
CA GLY A 95 -27.17 -31.33 14.80
C GLY A 95 -25.98 -32.14 15.25
N ARG A 96 -25.06 -32.39 14.34
CA ARG A 96 -23.86 -33.16 14.63
C ARG A 96 -22.69 -32.49 13.94
N PHE A 97 -21.67 -32.15 14.71
CA PHE A 97 -20.51 -31.50 14.16
C PHE A 97 -19.27 -31.83 14.97
N GLY A 98 -18.12 -31.70 14.33
CA GLY A 98 -16.88 -32.00 15.01
C GLY A 98 -15.72 -32.10 14.06
N CYS A 99 -14.56 -32.47 14.61
CA CYS A 99 -13.35 -32.59 13.83
C CYS A 99 -12.54 -33.75 14.36
N GLU A 100 -11.46 -34.07 13.66
CA GLU A 100 -10.62 -35.17 14.07
C GLU A 100 -9.23 -34.95 13.57
N ILE A 101 -8.25 -35.44 14.30
CA ILE A 101 -6.86 -35.30 13.90
C ILE A 101 -6.21 -36.66 13.95
N GLU A 102 -5.21 -36.82 13.09
CA GLU A 102 -4.47 -38.05 13.01
C GLU A 102 -3.02 -37.58 12.82
N ASN A 103 -2.13 -38.07 13.67
CA ASN A 103 -0.72 -37.71 13.63
C ASN A 103 -0.53 -36.23 13.91
N ASN A 104 -1.35 -35.70 14.82
CA ASN A 104 -1.30 -34.28 15.19
C ASN A 104 -1.68 -33.38 13.99
N ARG A 105 -2.17 -34.00 12.93
CA ARG A 105 -2.58 -33.25 11.75
C ARG A 105 -4.09 -33.37 11.49
N SER A 106 -4.77 -32.23 11.39
CA SER A 106 -6.20 -32.22 11.12
C SER A 106 -6.49 -33.19 9.98
N SER A 107 -7.41 -34.12 10.21
CA SER A 107 -7.73 -35.11 9.19
C SER A 107 -9.19 -35.14 8.71
N GLY A 108 -9.99 -34.18 9.16
CA GLY A 108 -11.39 -34.12 8.75
C GLY A 108 -12.25 -33.30 9.69
N ALA A 109 -13.52 -33.17 9.34
CA ALA A 109 -14.48 -32.42 10.13
C ALA A 109 -15.83 -32.54 9.47
N PHE A 110 -16.88 -32.21 10.19
CA PHE A 110 -18.21 -32.31 9.63
C PHE A 110 -19.20 -31.44 10.38
N TRP A 111 -20.32 -31.16 9.73
CA TRP A 111 -21.37 -30.32 10.31
C TRP A 111 -22.63 -30.66 9.54
N LYS A 112 -23.57 -31.31 10.20
CA LYS A 112 -24.79 -31.71 9.51
C LYS A 112 -25.98 -31.65 10.45
N TYR A 113 -27.17 -31.47 9.88
CA TYR A 113 -28.41 -31.40 10.64
C TYR A 113 -29.43 -32.37 10.10
N TYR A 114 -30.26 -32.88 11.00
CA TYR A 114 -31.30 -33.82 10.60
C TYR A 114 -32.66 -33.39 11.11
N TYR A 115 -33.57 -33.11 10.19
CA TYR A 115 -34.90 -32.72 10.59
C TYR A 115 -35.73 -33.99 10.54
N ASP A 116 -36.32 -34.34 11.68
CA ASP A 116 -37.16 -35.53 11.81
C ASP A 116 -36.49 -36.74 11.16
N GLY A 117 -35.26 -37.00 11.54
CA GLY A 117 -34.56 -38.15 11.00
C GLY A 117 -34.01 -37.99 9.60
N LYS A 118 -34.61 -37.11 8.81
CA LYS A 118 -34.18 -36.90 7.44
C LYS A 118 -33.00 -35.93 7.40
N ASP A 119 -32.21 -36.02 6.34
CA ASP A 119 -31.08 -35.12 6.14
C ASP A 119 -31.69 -33.77 5.83
N TYR A 120 -31.25 -32.74 6.56
CA TYR A 120 -31.79 -31.41 6.31
C TYR A 120 -30.78 -30.59 5.55
N ILE A 121 -29.71 -30.19 6.25
CA ILE A 121 -28.67 -29.38 5.64
C ILE A 121 -27.30 -29.82 6.14
N GLU A 122 -26.29 -29.61 5.32
CA GLU A 122 -24.94 -30.03 5.67
C GLU A 122 -23.93 -29.03 5.15
N PHE A 123 -22.88 -28.78 5.93
CA PHE A 123 -21.88 -27.82 5.51
C PHE A 123 -20.68 -28.44 4.83
N ASN A 124 -20.31 -27.88 3.68
CA ASN A 124 -19.15 -28.35 2.94
C ASN A 124 -18.10 -27.25 3.06
N LYS A 125 -17.12 -27.46 3.93
CA LYS A 125 -16.11 -26.43 4.17
C LYS A 125 -15.13 -26.26 3.01
N GLU A 126 -15.16 -27.17 2.06
CA GLU A 126 -14.25 -27.03 0.94
C GLU A 126 -14.75 -26.02 -0.07
N ILE A 127 -16.04 -25.75 -0.07
CA ILE A 127 -16.61 -24.82 -1.03
C ILE A 127 -16.23 -23.35 -0.80
N PRO A 128 -16.56 -22.79 0.37
CA PRO A 128 -17.27 -23.36 1.52
C PRO A 128 -18.72 -22.97 1.38
N ALA A 129 -19.62 -23.79 1.90
CA ALA A 129 -21.04 -23.46 1.81
C ALA A 129 -21.88 -24.60 2.32
N TRP A 130 -23.16 -24.32 2.50
CA TRP A 130 -24.07 -25.32 2.98
C TRP A 130 -24.76 -26.04 1.83
N VAL A 131 -25.09 -27.31 2.07
CA VAL A 131 -25.75 -28.13 1.08
C VAL A 131 -27.12 -28.47 1.60
N PRO A 132 -28.17 -28.09 0.84
CA PRO A 132 -29.54 -28.38 1.29
C PRO A 132 -29.94 -29.78 0.81
N PHE A 133 -30.87 -30.40 1.53
CA PHE A 133 -31.35 -31.73 1.19
C PHE A 133 -32.86 -31.70 1.20
N ASP A 134 -33.37 -30.88 2.10
CA ASP A 134 -34.78 -30.73 2.27
C ASP A 134 -35.16 -29.40 1.67
N PRO A 135 -36.33 -29.32 1.04
CA PRO A 135 -36.76 -28.05 0.44
C PRO A 135 -36.56 -26.85 1.37
N ALA A 136 -37.05 -26.95 2.61
CA ALA A 136 -36.89 -25.86 3.55
C ALA A 136 -35.42 -25.51 3.78
N ALA A 137 -34.56 -26.52 3.70
CA ALA A 137 -33.13 -26.28 3.90
C ALA A 137 -32.65 -25.20 2.94
N GLN A 138 -33.40 -25.00 1.86
CA GLN A 138 -33.04 -23.98 0.89
C GLN A 138 -33.18 -22.60 1.50
N ILE A 139 -34.25 -22.41 2.25
CA ILE A 139 -34.52 -21.14 2.93
C ILE A 139 -33.44 -20.94 3.98
N THR A 140 -33.20 -22.01 4.74
CA THR A 140 -32.21 -21.96 5.78
C THR A 140 -30.84 -21.70 5.19
N LYS A 141 -30.53 -22.36 4.08
CA LYS A 141 -29.26 -22.16 3.39
C LYS A 141 -29.13 -20.66 3.11
N GLN A 142 -30.22 -20.10 2.60
CA GLN A 142 -30.32 -18.67 2.25
C GLN A 142 -29.86 -17.81 3.41
N LYS A 143 -30.61 -17.87 4.50
CA LYS A 143 -30.30 -17.09 5.70
C LYS A 143 -28.85 -17.24 6.14
N TRP A 144 -28.43 -18.48 6.35
CA TRP A 144 -27.08 -18.79 6.80
C TRP A 144 -25.94 -18.30 5.93
N GLU A 145 -26.23 -17.85 4.72
CA GLU A 145 -25.18 -17.35 3.83
C GLU A 145 -25.53 -15.93 3.40
N ALA A 146 -26.31 -15.27 4.25
CA ALA A 146 -26.77 -13.90 4.02
C ALA A 146 -25.63 -12.89 3.84
N GLU A 147 -24.54 -13.10 4.57
CA GLU A 147 -23.37 -12.22 4.51
C GLU A 147 -22.21 -13.09 4.10
N PRO A 148 -21.31 -12.57 3.26
CA PRO A 148 -20.17 -13.39 2.84
C PRO A 148 -19.41 -14.04 4.01
N VAL A 149 -19.35 -13.30 5.12
CA VAL A 149 -18.68 -13.68 6.36
C VAL A 149 -19.02 -15.05 6.94
N TYR A 150 -20.32 -15.27 7.10
CA TYR A 150 -20.85 -16.50 7.67
C TYR A 150 -20.14 -17.77 7.25
N VAL A 151 -20.12 -18.06 5.95
CA VAL A 151 -19.48 -19.28 5.46
C VAL A 151 -18.01 -19.32 5.90
N GLN A 152 -17.38 -18.16 5.93
CA GLN A 152 -15.98 -18.06 6.31
C GLN A 152 -15.81 -18.50 7.75
N ARG A 153 -16.70 -18.00 8.60
CA ARG A 153 -16.68 -18.33 10.01
C ARG A 153 -16.82 -19.83 10.20
N ALA A 154 -17.83 -20.38 9.56
CA ALA A 154 -18.09 -21.82 9.65
C ALA A 154 -16.85 -22.62 9.32
N LYS A 155 -16.24 -22.31 8.19
CA LYS A 155 -15.03 -23.00 7.75
C LYS A 155 -13.96 -22.92 8.83
N ALA A 156 -13.83 -21.72 9.41
CA ALA A 156 -12.87 -21.44 10.46
C ALA A 156 -13.08 -22.34 11.67
N TYR A 157 -14.31 -22.40 12.13
CA TYR A 157 -14.62 -23.24 13.27
C TYR A 157 -14.08 -24.65 13.07
N LEU A 158 -14.49 -25.29 11.99
CA LEU A 158 -14.07 -26.66 11.71
C LEU A 158 -12.59 -26.84 11.50
N GLU A 159 -12.00 -25.96 10.69
CA GLU A 159 -10.58 -26.08 10.39
C GLU A 159 -9.65 -25.47 11.41
N GLU A 160 -10.15 -24.52 12.20
CA GLU A 160 -9.31 -23.85 13.19
C GLU A 160 -9.69 -24.08 14.64
N GLU A 161 -10.84 -23.55 15.04
CA GLU A 161 -11.31 -23.65 16.42
C GLU A 161 -11.47 -25.06 16.96
N CYS A 162 -12.31 -25.85 16.30
CA CYS A 162 -12.55 -27.21 16.73
C CYS A 162 -11.24 -27.93 17.02
N PRO A 163 -10.39 -28.10 16.00
CA PRO A 163 -9.12 -28.79 16.25
C PRO A 163 -8.31 -28.21 17.41
N ALA A 164 -8.31 -26.89 17.54
CA ALA A 164 -7.58 -26.23 18.63
C ALA A 164 -8.09 -26.76 19.96
N THR A 165 -9.42 -26.75 20.10
CA THR A 165 -10.07 -27.25 21.31
C THR A 165 -9.74 -28.72 21.54
N LEU A 166 -9.70 -29.48 20.46
CA LEU A 166 -9.38 -30.90 20.54
C LEU A 166 -7.97 -31.01 21.12
N ARG A 167 -7.05 -30.22 20.59
CA ARG A 167 -5.67 -30.21 21.04
C ARG A 167 -5.60 -30.04 22.55
N LYS A 168 -6.29 -29.03 23.08
CA LYS A 168 -6.23 -28.79 24.51
C LYS A 168 -6.84 -29.90 25.34
N TYR A 169 -7.99 -30.43 24.92
CA TYR A 169 -8.59 -31.50 25.68
C TYR A 169 -7.65 -32.70 25.72
N LEU A 170 -6.90 -32.89 24.64
CA LEU A 170 -5.98 -34.01 24.58
C LEU A 170 -4.94 -33.90 25.69
N LYS A 171 -4.50 -32.68 25.96
CA LYS A 171 -3.52 -32.47 27.01
C LYS A 171 -4.04 -33.03 28.32
N TYR A 172 -5.35 -32.93 28.51
CA TYR A 172 -5.98 -33.43 29.72
C TYR A 172 -6.59 -34.83 29.56
N SER A 173 -6.78 -35.30 28.33
CA SER A 173 -7.43 -36.61 28.08
C SER A 173 -6.68 -37.79 27.45
N LYS A 174 -5.56 -37.54 26.79
CA LYS A 174 -4.76 -38.60 26.18
C LYS A 174 -4.79 -39.90 26.99
N ASN A 175 -4.45 -39.79 28.26
CA ASN A 175 -4.44 -40.96 29.12
C ASN A 175 -5.71 -41.74 29.02
N ILE A 176 -6.84 -41.11 29.36
CA ILE A 176 -8.15 -41.75 29.30
C ILE A 176 -8.33 -42.45 27.96
N LEU A 177 -8.11 -41.70 26.89
CA LEU A 177 -8.29 -42.23 25.56
C LEU A 177 -7.29 -43.30 25.17
N ASP A 178 -6.11 -43.30 25.80
CA ASP A 178 -5.11 -44.28 25.43
C ASP A 178 -5.04 -45.58 26.23
N ARG A 179 -5.81 -45.66 27.31
CA ARG A 179 -5.87 -46.85 28.16
C ARG A 179 -5.84 -48.17 27.40
N GLN A 180 -5.27 -49.20 28.02
CA GLN A 180 -5.22 -50.53 27.43
C GLN A 180 -5.57 -51.50 28.52
N ASP A 181 -6.83 -51.44 28.93
CA ASP A 181 -7.36 -52.25 29.99
C ASP A 181 -7.85 -53.57 29.47
N PRO A 182 -7.12 -54.63 29.78
CA PRO A 182 -7.47 -55.98 29.35
C PRO A 182 -8.79 -56.44 29.90
N PRO A 183 -9.46 -57.33 29.14
CA PRO A 183 -10.76 -57.89 29.48
C PRO A 183 -10.64 -59.07 30.39
N SER A 184 -11.65 -59.24 31.23
CA SER A 184 -11.72 -60.39 32.12
C SER A 184 -12.73 -61.21 31.34
N VAL A 185 -12.55 -62.52 31.26
CA VAL A 185 -13.50 -63.33 30.51
C VAL A 185 -14.16 -64.38 31.38
N VAL A 186 -15.45 -64.57 31.18
CA VAL A 186 -16.20 -65.51 31.96
C VAL A 186 -17.09 -66.35 31.08
N VAL A 187 -17.04 -67.67 31.30
CA VAL A 187 -17.88 -68.58 30.53
C VAL A 187 -19.05 -68.99 31.41
N THR A 188 -20.24 -68.99 30.80
CA THR A 188 -21.49 -69.33 31.49
C THR A 188 -22.34 -70.24 30.63
N SER A 189 -23.35 -70.87 31.23
CA SER A 189 -24.22 -71.76 30.47
C SER A 189 -25.69 -71.68 30.89
N HIS A 190 -26.55 -72.04 29.93
CA HIS A 190 -27.99 -72.05 30.09
C HIS A 190 -28.50 -73.34 29.44
N GLN A 191 -29.50 -73.98 30.05
CA GLN A 191 -30.00 -75.22 29.49
C GLN A 191 -31.47 -75.49 29.85
N ALA A 192 -32.34 -75.32 28.87
CA ALA A 192 -33.77 -75.56 29.09
C ALA A 192 -34.12 -76.94 28.53
N PRO A 193 -35.05 -77.64 29.17
CA PRO A 193 -35.36 -78.95 28.60
C PRO A 193 -35.94 -78.78 27.19
N GLY A 194 -35.49 -79.63 26.27
CA GLY A 194 -35.98 -79.59 24.90
C GLY A 194 -35.33 -78.53 24.04
N GLU A 195 -34.21 -78.01 24.51
CA GLU A 195 -33.48 -76.97 23.79
C GLU A 195 -32.00 -77.29 23.82
N LYS A 196 -31.26 -76.79 22.83
CA LYS A 196 -29.82 -77.02 22.77
C LYS A 196 -29.19 -76.24 23.92
N LYS A 197 -28.12 -76.78 24.49
CA LYS A 197 -27.45 -76.08 25.57
C LYS A 197 -26.86 -74.82 24.97
N LYS A 198 -26.86 -73.74 25.75
CA LYS A 198 -26.31 -72.49 25.27
C LYS A 198 -25.17 -72.03 26.15
N LEU A 199 -24.02 -71.86 25.51
CA LEU A 199 -22.82 -71.42 26.17
C LEU A 199 -22.61 -69.95 25.86
N LYS A 200 -22.25 -69.19 26.89
CA LYS A 200 -22.05 -67.76 26.76
C LYS A 200 -20.69 -67.35 27.24
N CYS A 201 -20.01 -66.54 26.43
CA CYS A 201 -18.70 -66.05 26.80
C CYS A 201 -18.78 -64.55 26.95
N LEU A 202 -18.26 -64.05 28.07
CA LEU A 202 -18.30 -62.61 28.31
C LEU A 202 -16.95 -61.99 28.60
N ALA A 203 -16.60 -60.98 27.82
CA ALA A 203 -15.35 -60.27 28.01
C ALA A 203 -15.81 -58.95 28.62
N TYR A 204 -15.10 -58.47 29.63
CA TYR A 204 -15.52 -57.21 30.25
C TYR A 204 -14.43 -56.37 30.90
N ASP A 205 -14.83 -55.17 31.30
CA ASP A 205 -13.93 -54.21 31.92
C ASP A 205 -12.76 -53.86 31.03
N PHE A 206 -12.95 -54.01 29.72
CA PHE A 206 -11.85 -53.72 28.81
C PHE A 206 -12.02 -52.42 28.03
N TYR A 207 -10.93 -51.98 27.43
CA TYR A 207 -10.90 -50.75 26.64
C TYR A 207 -9.59 -50.75 25.89
N PRO A 208 -9.59 -50.37 24.60
CA PRO A 208 -10.66 -49.92 23.71
C PRO A 208 -11.72 -50.97 23.43
N GLY A 209 -12.73 -50.56 22.65
CA GLY A 209 -13.83 -51.45 22.34
C GLY A 209 -13.52 -52.56 21.36
N LYS A 210 -12.62 -52.29 20.42
CA LYS A 210 -12.22 -53.28 19.41
C LYS A 210 -11.80 -54.58 20.09
N ILE A 211 -12.52 -55.66 19.83
CA ILE A 211 -12.19 -56.94 20.44
C ILE A 211 -12.67 -58.12 19.61
N ASP A 212 -12.05 -59.28 19.82
CA ASP A 212 -12.45 -60.49 19.13
C ASP A 212 -12.83 -61.57 20.14
N VAL A 213 -14.11 -61.93 20.16
CA VAL A 213 -14.59 -62.95 21.06
C VAL A 213 -15.34 -63.97 20.22
N HIS A 214 -14.88 -65.22 20.26
CA HIS A 214 -15.54 -66.27 19.49
C HIS A 214 -15.35 -67.59 20.17
N TRP A 215 -16.24 -68.53 19.83
CA TRP A 215 -16.20 -69.88 20.38
C TRP A 215 -15.55 -70.80 19.37
N THR A 216 -15.01 -71.91 19.86
CA THR A 216 -14.40 -72.91 19.00
C THR A 216 -14.93 -74.27 19.46
N ARG A 217 -15.20 -75.14 18.50
CA ARG A 217 -15.68 -76.48 18.80
C ARG A 217 -14.57 -77.44 18.35
N ALA A 218 -13.84 -77.96 19.32
CA ALA A 218 -12.75 -78.89 19.05
C ALA A 218 -11.68 -78.20 18.20
N GLY A 219 -11.65 -76.87 18.22
CA GLY A 219 -10.65 -76.15 17.45
C GLY A 219 -11.17 -75.41 16.23
N GLU A 220 -12.42 -75.65 15.87
CA GLU A 220 -13.02 -74.98 14.72
C GLU A 220 -13.89 -73.83 15.20
N VAL A 221 -13.66 -72.64 14.67
CA VAL A 221 -14.46 -71.48 15.06
C VAL A 221 -15.94 -71.72 14.83
N GLN A 222 -16.74 -71.36 15.83
CA GLN A 222 -18.17 -71.55 15.76
C GLN A 222 -18.93 -70.26 15.57
N GLU A 223 -19.83 -70.26 14.59
CA GLU A 223 -20.66 -69.09 14.30
C GLU A 223 -21.61 -68.90 15.48
N PRO A 224 -21.60 -67.71 16.10
CA PRO A 224 -22.48 -67.41 17.24
C PRO A 224 -23.96 -67.37 16.92
N GLU A 225 -24.77 -67.79 17.90
CA GLU A 225 -26.21 -67.78 17.75
C GLU A 225 -26.67 -66.39 18.15
N LEU A 226 -25.88 -65.76 19.00
CA LEU A 226 -26.20 -64.42 19.47
C LEU A 226 -24.95 -63.69 19.94
N ARG A 227 -24.83 -62.43 19.54
CA ARG A 227 -23.70 -61.60 19.91
C ARG A 227 -24.28 -60.44 20.73
N GLY A 228 -23.42 -59.58 21.25
CA GLY A 228 -23.88 -58.47 22.04
C GLY A 228 -22.72 -57.77 22.72
N ASP A 229 -22.78 -56.45 22.78
CA ASP A 229 -21.73 -55.69 23.42
C ASP A 229 -22.23 -54.33 23.88
N VAL A 230 -21.58 -53.78 24.90
CA VAL A 230 -22.00 -52.53 25.49
C VAL A 230 -20.84 -51.67 25.96
N LEU A 231 -21.08 -50.36 25.99
CA LEU A 231 -20.09 -49.42 26.48
C LEU A 231 -20.69 -48.77 27.71
N HIS A 232 -19.93 -48.72 28.79
CA HIS A 232 -20.38 -48.10 30.01
C HIS A 232 -19.56 -46.83 30.08
N ASN A 233 -20.15 -45.74 29.62
CA ASN A 233 -19.46 -44.45 29.58
C ASN A 233 -18.92 -43.91 30.88
N GLY A 234 -19.78 -43.76 31.88
CA GLY A 234 -19.30 -43.21 33.13
C GLY A 234 -18.07 -43.96 33.59
N ASN A 235 -17.99 -45.19 33.12
CA ASN A 235 -16.92 -46.11 33.49
C ASN A 235 -15.74 -46.06 32.54
N GLY A 236 -16.02 -46.06 31.24
CA GLY A 236 -14.96 -46.04 30.27
C GLY A 236 -14.67 -47.47 29.83
N THR A 237 -15.50 -48.43 30.23
CA THR A 237 -15.24 -49.81 29.82
C THR A 237 -16.28 -50.43 28.93
N TYR A 238 -15.88 -51.51 28.25
CA TYR A 238 -16.77 -52.25 27.35
C TYR A 238 -17.05 -53.65 27.88
N GLN A 239 -18.04 -54.27 27.27
CA GLN A 239 -18.45 -55.63 27.59
C GLN A 239 -18.98 -56.25 26.29
N SER A 240 -18.45 -57.41 25.93
CA SER A 240 -18.86 -58.08 24.72
C SER A 240 -19.07 -59.54 25.06
N TRP A 241 -20.17 -60.10 24.58
CA TRP A 241 -20.49 -61.51 24.85
C TRP A 241 -20.94 -62.22 23.59
N VAL A 242 -20.84 -63.54 23.62
CA VAL A 242 -21.21 -64.39 22.49
C VAL A 242 -21.83 -65.69 22.99
N VAL A 243 -22.88 -66.12 22.31
CA VAL A 243 -23.56 -67.34 22.70
C VAL A 243 -23.67 -68.36 21.59
N VAL A 244 -23.25 -69.58 21.89
CA VAL A 244 -23.34 -70.67 20.94
C VAL A 244 -24.32 -71.70 21.49
N ALA A 245 -24.95 -72.40 20.56
CA ALA A 245 -25.90 -73.43 20.91
C ALA A 245 -25.19 -74.73 20.63
N VAL A 246 -25.04 -75.56 21.65
CA VAL A 246 -24.38 -76.83 21.48
C VAL A 246 -25.39 -77.97 21.37
N PRO A 247 -25.28 -78.74 20.28
CA PRO A 247 -26.15 -79.88 20.02
C PRO A 247 -26.15 -80.82 21.20
N PRO A 248 -27.26 -81.52 21.42
CA PRO A 248 -27.49 -82.48 22.50
C PRO A 248 -26.36 -83.45 22.80
N GLN A 249 -26.00 -84.23 21.79
CA GLN A 249 -24.97 -85.25 21.93
C GLN A 249 -23.53 -84.76 21.84
N ASP A 250 -23.31 -83.62 21.21
CA ASP A 250 -21.96 -83.08 21.04
C ASP A 250 -21.04 -83.24 22.26
N THR A 251 -19.85 -83.84 22.03
CA THR A 251 -18.86 -84.06 23.09
C THR A 251 -17.58 -83.26 22.83
N ALA A 252 -17.51 -82.68 21.64
CA ALA A 252 -16.37 -81.86 21.25
C ALA A 252 -16.15 -80.80 22.33
N PRO A 253 -14.88 -80.52 22.67
CA PRO A 253 -14.66 -79.51 23.70
C PRO A 253 -14.93 -78.12 23.14
N TYR A 254 -15.46 -77.24 23.98
CA TYR A 254 -15.75 -75.88 23.56
C TYR A 254 -14.94 -74.91 24.39
N SER A 255 -14.24 -74.01 23.72
CA SER A 255 -13.42 -73.00 24.39
C SER A 255 -13.72 -71.62 23.85
N CYS A 256 -13.58 -70.61 24.70
CA CYS A 256 -13.82 -69.26 24.27
C CYS A 256 -12.50 -68.60 24.00
N HIS A 257 -12.41 -67.89 22.88
CA HIS A 257 -11.19 -67.20 22.51
C HIS A 257 -11.39 -65.69 22.46
N VAL A 258 -10.56 -64.97 23.21
CA VAL A 258 -10.65 -63.51 23.26
C VAL A 258 -9.34 -62.82 22.83
N GLN A 259 -9.41 -62.00 21.80
CA GLN A 259 -8.24 -61.28 21.33
C GLN A 259 -8.49 -59.80 21.54
N HIS A 260 -7.50 -59.11 22.10
CA HIS A 260 -7.63 -57.69 22.36
C HIS A 260 -6.26 -56.98 22.35
N SER A 261 -6.25 -55.73 21.90
CA SER A 261 -5.05 -54.93 21.82
C SER A 261 -4.22 -54.91 23.10
N SER A 262 -4.89 -54.94 24.25
CA SER A 262 -4.18 -54.91 25.54
C SER A 262 -3.56 -56.25 25.88
N LEU A 263 -3.88 -57.29 25.09
CA LEU A 263 -3.36 -58.62 25.34
C LEU A 263 -2.27 -59.02 24.36
N ALA A 264 -1.15 -59.46 24.90
CA ALA A 264 -0.01 -59.89 24.11
C ALA A 264 -0.32 -61.22 23.44
N GLN A 265 -1.11 -62.03 24.13
CA GLN A 265 -1.50 -63.34 23.65
C GLN A 265 -2.99 -63.56 23.79
N PRO A 266 -3.62 -64.19 22.79
CA PRO A 266 -5.04 -64.42 22.92
C PRO A 266 -5.30 -65.16 24.21
N LEU A 267 -6.41 -64.83 24.84
CA LEU A 267 -6.82 -65.43 26.09
C LEU A 267 -7.84 -66.53 25.79
N VAL A 268 -7.57 -67.75 26.24
CA VAL A 268 -8.48 -68.85 26.00
C VAL A 268 -9.07 -69.47 27.27
N VAL A 269 -10.38 -69.49 27.33
CA VAL A 269 -11.10 -70.05 28.46
C VAL A 269 -11.92 -71.22 27.98
N PRO A 270 -11.61 -72.42 28.47
CA PRO A 270 -12.33 -73.63 28.08
C PRO A 270 -13.57 -73.78 28.92
N TRP A 271 -14.53 -74.53 28.37
CA TRP A 271 -15.76 -74.80 29.06
C TRP A 271 -15.68 -76.20 29.66
N GLU A 272 -15.53 -76.25 30.98
CA GLU A 272 -15.44 -77.51 31.69
C GLU A 272 -16.85 -78.08 31.81
N ALA A 273 -17.26 -78.86 30.82
CA ALA A 273 -18.60 -79.45 30.80
C ALA A 273 -19.07 -80.01 32.16
N ASP B 1 25.39 17.95 -29.50
CA ASP B 1 24.62 19.22 -29.68
C ASP B 1 25.34 20.46 -29.13
N GLY B 2 26.08 20.29 -28.04
CA GLY B 2 26.79 21.42 -27.47
C GLY B 2 25.93 22.44 -26.74
N ARG B 3 26.61 23.29 -25.97
CA ARG B 3 26.01 24.32 -25.14
C ARG B 3 24.97 25.25 -25.74
N TYR B 4 24.01 25.65 -24.89
CA TYR B 4 22.92 26.58 -25.22
C TYR B 4 22.41 27.12 -23.88
N SER B 5 22.06 28.40 -23.85
CA SER B 5 21.60 28.99 -22.60
C SER B 5 20.42 29.92 -22.75
N LEU B 6 19.56 29.91 -21.74
CA LEU B 6 18.40 30.79 -21.67
C LEU B 6 18.65 31.69 -20.47
N THR B 7 18.62 33.00 -20.68
CA THR B 7 18.90 33.92 -19.59
C THR B 7 17.93 35.08 -19.48
N TYR B 8 17.58 35.42 -18.25
CA TYR B 8 16.68 36.54 -18.02
C TYR B 8 17.29 37.54 -17.03
N ILE B 9 17.04 38.81 -17.27
CA ILE B 9 17.56 39.86 -16.39
C ILE B 9 16.47 40.89 -16.10
N TYR B 10 16.10 40.96 -14.81
CA TYR B 10 15.10 41.90 -14.35
C TYR B 10 15.80 42.99 -13.57
N THR B 11 15.40 44.23 -13.82
CA THR B 11 16.00 45.37 -13.16
C THR B 11 14.90 46.32 -12.67
N GLY B 12 14.87 46.57 -11.36
CA GLY B 12 13.86 47.46 -10.80
C GLY B 12 14.45 48.64 -10.06
N LEU B 13 13.82 49.81 -10.18
CA LEU B 13 14.26 51.03 -9.53
C LEU B 13 13.21 51.56 -8.55
N SER B 14 13.62 51.83 -7.31
CA SER B 14 12.68 52.33 -6.32
C SER B 14 12.25 53.75 -6.70
N LYS B 15 13.18 54.49 -7.29
CA LYS B 15 12.92 55.86 -7.73
C LYS B 15 13.50 56.02 -9.11
N HIS B 16 12.68 56.39 -10.09
CA HIS B 16 13.17 56.55 -11.46
C HIS B 16 12.62 57.85 -12.08
N VAL B 17 13.32 58.52 -13.01
CA VAL B 17 12.73 59.72 -13.61
C VAL B 17 11.56 59.26 -14.51
N GLU B 18 10.61 60.15 -14.77
CA GLU B 18 9.42 59.77 -15.55
C GLU B 18 9.60 58.82 -16.72
N ASP B 19 10.40 59.25 -17.70
CA ASP B 19 10.63 58.48 -18.93
C ASP B 19 11.51 57.26 -18.84
N VAL B 20 12.00 56.93 -17.64
CA VAL B 20 12.83 55.75 -17.45
C VAL B 20 11.90 54.74 -16.79
N PRO B 21 11.65 53.58 -17.45
CA PRO B 21 10.74 52.64 -16.79
C PRO B 21 11.29 52.03 -15.51
N ALA B 22 10.42 51.93 -14.50
CA ALA B 22 10.80 51.39 -13.20
C ALA B 22 11.28 49.94 -13.30
N PHE B 23 10.60 49.15 -14.12
CA PHE B 23 10.96 47.75 -14.28
C PHE B 23 11.36 47.44 -15.72
N GLN B 24 12.41 46.66 -15.87
CA GLN B 24 12.86 46.27 -17.19
C GLN B 24 13.28 44.82 -17.18
N ALA B 25 12.82 44.09 -18.19
CA ALA B 25 13.13 42.68 -18.32
C ALA B 25 13.72 42.40 -19.69
N LEU B 26 14.67 41.46 -19.74
CA LEU B 26 15.26 41.09 -21.01
C LEU B 26 15.77 39.67 -20.99
N GLY B 27 15.56 38.99 -22.11
CA GLY B 27 15.97 37.61 -22.20
C GLY B 27 16.95 37.40 -23.33
N SER B 28 17.82 36.43 -23.14
CA SER B 28 18.81 36.10 -24.14
C SER B 28 18.97 34.62 -24.33
N LEU B 29 19.34 34.25 -25.54
CA LEU B 29 19.61 32.90 -25.92
C LEU B 29 21.08 33.02 -26.31
N ASN B 30 21.94 32.34 -25.58
CA ASN B 30 23.36 32.43 -25.84
C ASN B 30 23.74 33.91 -25.76
N ASP B 31 24.46 34.40 -26.76
CA ASP B 31 24.91 35.79 -26.78
C ASP B 31 23.88 36.81 -27.30
N LEU B 32 22.76 36.34 -27.83
CA LEU B 32 21.78 37.25 -28.38
C LEU B 32 20.54 37.48 -27.53
N GLN B 33 20.04 38.71 -27.59
CA GLN B 33 18.85 39.10 -26.87
C GLN B 33 17.65 38.83 -27.78
N PHE B 34 16.72 38.01 -27.32
CA PHE B 34 15.56 37.68 -28.14
C PHE B 34 14.29 38.42 -27.76
N PHE B 35 14.27 39.07 -26.60
CA PHE B 35 13.07 39.80 -26.22
C PHE B 35 13.29 40.77 -25.07
N ARG B 36 12.35 41.70 -24.91
CA ARG B 36 12.42 42.69 -23.84
C ARG B 36 11.02 42.97 -23.32
N TYR B 37 10.94 43.83 -22.31
CA TYR B 37 9.67 44.20 -21.71
C TYR B 37 9.94 45.25 -20.65
N ASN B 38 9.13 46.30 -20.60
CA ASN B 38 9.33 47.30 -19.57
C ASN B 38 8.00 47.71 -18.94
N SER B 39 8.07 48.25 -17.73
CA SER B 39 6.90 48.66 -16.96
C SER B 39 6.04 49.72 -17.61
N LYS B 40 6.59 50.42 -18.61
CA LYS B 40 5.83 51.46 -19.30
C LYS B 40 4.90 50.88 -20.37
N ASP B 41 5.45 50.19 -21.36
CA ASP B 41 4.66 49.60 -22.42
C ASP B 41 4.01 48.30 -21.98
N ARG B 42 4.50 47.73 -20.88
CA ARG B 42 4.00 46.46 -20.35
C ARG B 42 3.77 45.46 -21.48
N LYS B 43 4.67 45.48 -22.47
CA LYS B 43 4.57 44.57 -23.62
C LYS B 43 5.83 43.75 -23.85
N SER B 44 5.65 42.44 -24.02
CA SER B 44 6.78 41.55 -24.30
C SER B 44 7.02 41.59 -25.80
N GLN B 45 8.12 42.19 -26.22
CA GLN B 45 8.43 42.30 -27.63
C GLN B 45 9.69 41.54 -28.02
N PRO B 46 9.63 40.79 -29.13
CA PRO B 46 10.78 40.02 -29.60
C PRO B 46 11.81 41.01 -30.13
N MET B 47 13.05 40.54 -30.26
CA MET B 47 14.13 41.40 -30.75
C MET B 47 15.11 40.74 -31.70
N GLY B 48 15.95 41.57 -32.29
CA GLY B 48 16.94 41.07 -33.23
C GLY B 48 16.35 40.18 -34.29
N LEU B 49 17.00 39.03 -34.49
CA LEU B 49 16.56 38.07 -35.49
C LEU B 49 15.22 37.40 -35.16
N TRP B 50 14.82 37.46 -33.89
CA TRP B 50 13.56 36.86 -33.45
C TRP B 50 12.37 37.74 -33.81
N ARG B 51 12.65 38.99 -34.17
CA ARG B 51 11.60 39.93 -34.54
C ARG B 51 10.82 39.37 -35.73
N GLN B 52 11.54 38.68 -36.62
CA GLN B 52 10.92 38.10 -37.78
C GLN B 52 10.79 36.58 -37.65
N VAL B 53 10.38 36.15 -36.46
CA VAL B 53 10.17 34.73 -36.12
C VAL B 53 8.74 34.64 -35.59
N GLU B 54 8.04 33.55 -35.91
CA GLU B 54 6.69 33.43 -35.41
C GLU B 54 6.38 32.04 -34.86
N GLY B 55 5.49 32.00 -33.89
CA GLY B 55 5.10 30.74 -33.28
C GLY B 55 6.01 30.30 -32.15
N MET B 56 7.15 30.96 -32.00
CA MET B 56 8.08 30.59 -30.93
C MET B 56 7.45 30.88 -29.58
N GLU B 57 6.86 32.06 -29.45
CA GLU B 57 6.23 32.43 -28.19
C GLU B 57 5.02 33.33 -28.39
N ASP B 58 4.07 33.18 -27.49
CA ASP B 58 2.84 33.97 -27.48
C ASP B 58 3.18 35.25 -26.72
N TRP B 59 3.55 36.28 -27.46
CA TRP B 59 3.93 37.54 -26.84
C TRP B 59 2.83 38.22 -26.04
N LYS B 60 1.58 37.95 -26.40
CA LYS B 60 0.45 38.52 -25.69
C LYS B 60 0.39 37.89 -24.31
N GLN B 61 0.38 36.56 -24.29
CA GLN B 61 0.31 35.80 -23.05
C GLN B 61 1.54 36.01 -22.16
N ASP B 62 2.71 36.18 -22.79
CA ASP B 62 3.92 36.38 -22.01
C ASP B 62 3.83 37.75 -21.35
N SER B 63 3.30 38.72 -22.07
CA SER B 63 3.18 40.06 -21.51
C SER B 63 2.48 40.01 -20.17
N GLN B 64 1.53 39.09 -20.01
CA GLN B 64 0.84 38.99 -18.74
C GLN B 64 1.78 38.36 -17.71
N LEU B 65 2.50 37.32 -18.13
CA LEU B 65 3.43 36.64 -17.25
C LEU B 65 4.39 37.67 -16.67
N GLN B 66 4.89 38.57 -17.51
CA GLN B 66 5.82 39.59 -17.06
C GLN B 66 5.16 40.55 -16.08
N LYS B 67 3.94 41.00 -16.41
CA LYS B 67 3.20 41.91 -15.53
C LYS B 67 3.11 41.32 -14.14
N ALA B 68 2.96 40.00 -14.09
CA ALA B 68 2.87 39.31 -12.81
C ALA B 68 4.21 39.48 -12.08
N ARG B 69 5.26 38.93 -12.70
CA ARG B 69 6.63 38.98 -12.18
C ARG B 69 6.97 40.38 -11.72
N GLU B 70 6.64 41.36 -12.56
CA GLU B 70 6.89 42.76 -12.26
C GLU B 70 6.39 43.12 -10.88
N ASP B 71 5.08 42.94 -10.69
CA ASP B 71 4.44 43.26 -9.43
C ASP B 71 5.18 42.63 -8.26
N ILE B 72 5.56 41.37 -8.44
CA ILE B 72 6.26 40.65 -7.41
C ILE B 72 7.66 41.20 -7.18
N PHE B 73 8.44 41.27 -8.25
CA PHE B 73 9.82 41.77 -8.19
C PHE B 73 9.86 43.14 -7.51
N MET B 74 9.04 44.06 -8.01
CA MET B 74 9.01 45.40 -7.47
C MET B 74 8.60 45.44 -6.00
N GLU B 75 7.70 44.56 -5.60
CA GLU B 75 7.30 44.59 -4.22
C GLU B 75 8.43 44.15 -3.33
N THR B 76 9.22 43.18 -3.81
CA THR B 76 10.36 42.72 -3.04
C THR B 76 11.30 43.91 -2.85
N LEU B 77 11.55 44.62 -3.93
CA LEU B 77 12.41 45.79 -3.89
C LEU B 77 11.87 46.73 -2.81
N LYS B 78 10.56 46.90 -2.81
CA LYS B 78 9.89 47.76 -1.85
C LYS B 78 10.23 47.33 -0.42
N ASP B 79 10.01 46.05 -0.12
CA ASP B 79 10.32 45.55 1.21
C ASP B 79 11.76 45.85 1.60
N ILE B 80 12.71 45.43 0.77
CA ILE B 80 14.11 45.67 1.06
C ILE B 80 14.36 47.12 1.44
N VAL B 81 13.83 48.01 0.61
CA VAL B 81 14.03 49.43 0.87
C VAL B 81 13.42 49.81 2.21
N GLU B 82 12.23 49.28 2.47
CA GLU B 82 11.53 49.57 3.73
C GLU B 82 12.39 49.08 4.87
N TYR B 83 12.87 47.84 4.74
CA TYR B 83 13.68 47.26 5.78
C TYR B 83 14.76 48.24 6.20
N TYR B 84 15.34 48.94 5.23
CA TYR B 84 16.42 49.86 5.54
C TYR B 84 15.98 51.29 5.82
N ASN B 85 14.68 51.55 5.76
CA ASN B 85 14.15 52.88 6.01
C ASN B 85 14.81 53.89 5.07
N ASP B 86 15.23 53.45 3.89
CA ASP B 86 15.88 54.35 2.92
C ASP B 86 14.98 54.62 1.73
N SER B 87 13.69 54.76 2.01
CA SER B 87 12.69 55.01 0.98
C SER B 87 12.89 56.39 0.35
N ASN B 88 13.85 57.14 0.89
CA ASN B 88 14.15 58.46 0.37
C ASN B 88 15.21 58.34 -0.72
N GLY B 89 16.14 57.41 -0.54
CA GLY B 89 17.17 57.20 -1.53
C GLY B 89 16.67 56.36 -2.69
N SER B 90 17.47 56.28 -3.74
CA SER B 90 17.10 55.49 -4.91
C SER B 90 17.81 54.14 -4.82
N HIS B 91 17.04 53.06 -4.94
CA HIS B 91 17.62 51.74 -4.85
C HIS B 91 17.30 50.85 -6.03
N VAL B 92 18.24 49.94 -6.33
CA VAL B 92 18.09 49.01 -7.45
C VAL B 92 18.12 47.57 -7.02
N LEU B 93 17.28 46.79 -7.67
CA LEU B 93 17.23 45.38 -7.42
C LEU B 93 17.34 44.73 -8.79
N GLN B 94 18.28 43.80 -8.91
CA GLN B 94 18.45 43.13 -10.17
C GLN B 94 18.41 41.63 -9.98
N GLY B 95 17.61 40.99 -10.83
CA GLY B 95 17.48 39.56 -10.77
C GLY B 95 17.98 38.93 -12.06
N ARG B 96 18.67 37.80 -11.92
CA ARG B 96 19.22 37.09 -13.06
C ARG B 96 19.00 35.61 -12.81
N PHE B 97 18.36 34.95 -13.77
CA PHE B 97 18.09 33.54 -13.64
C PHE B 97 18.01 32.89 -15.02
N GLY B 98 18.29 31.60 -15.07
CA GLY B 98 18.26 30.91 -16.33
C GLY B 98 18.82 29.51 -16.21
N CYS B 99 18.92 28.84 -17.36
CA CYS B 99 19.42 27.48 -17.41
C CYS B 99 20.21 27.30 -18.70
N GLU B 100 20.86 26.16 -18.82
CA GLU B 100 21.65 25.90 -20.00
C GLU B 100 21.76 24.41 -20.17
N ILE B 101 21.92 23.97 -21.41
CA ILE B 101 22.05 22.56 -21.70
C ILE B 101 23.24 22.31 -22.61
N GLU B 102 23.79 21.10 -22.52
CA GLU B 102 24.94 20.73 -23.32
C GLU B 102 24.77 19.28 -23.79
N ASN B 103 24.72 19.09 -25.11
CA ASN B 103 24.51 17.78 -25.69
C ASN B 103 23.10 17.32 -25.37
N ASN B 104 22.16 18.25 -25.39
CA ASN B 104 20.77 17.97 -25.09
C ASN B 104 20.51 17.59 -23.62
N ARG B 105 21.55 17.64 -22.78
CA ARG B 105 21.41 17.33 -21.34
C ARG B 105 21.59 18.62 -20.50
N SER B 106 20.66 18.88 -19.58
CA SER B 106 20.80 20.07 -18.75
C SER B 106 22.18 20.05 -18.07
N SER B 107 22.87 21.18 -18.15
CA SER B 107 24.20 21.26 -17.56
C SER B 107 24.30 22.29 -16.46
N GLY B 108 23.22 23.00 -16.17
CA GLY B 108 23.27 24.01 -15.13
C GLY B 108 22.12 25.00 -15.14
N ALA B 109 22.09 25.83 -14.11
CA ALA B 109 21.04 26.83 -13.94
C ALA B 109 21.44 27.77 -12.79
N PHE B 110 20.75 28.91 -12.69
CA PHE B 110 21.08 29.86 -11.65
C PHE B 110 19.90 30.78 -11.37
N TRP B 111 19.94 31.42 -10.20
CA TRP B 111 18.89 32.35 -9.79
C TRP B 111 19.52 33.20 -8.70
N LYS B 112 19.75 34.48 -9.00
CA LYS B 112 20.38 35.36 -8.05
C LYS B 112 19.84 36.77 -8.14
N TYR B 113 19.93 37.50 -7.03
CA TYR B 113 19.47 38.89 -6.98
C TYR B 113 20.54 39.80 -6.42
N TYR B 114 20.55 41.04 -6.91
CA TYR B 114 21.52 42.02 -6.47
C TYR B 114 20.85 43.29 -6.03
N TYR B 115 21.02 43.62 -4.76
CA TYR B 115 20.45 44.85 -4.25
C TYR B 115 21.55 45.89 -4.30
N ASP B 116 21.28 46.97 -5.02
CA ASP B 116 22.24 48.04 -5.18
C ASP B 116 23.63 47.51 -5.50
N GLY B 117 23.72 46.66 -6.51
CA GLY B 117 24.99 46.13 -6.93
C GLY B 117 25.55 45.02 -6.06
N LYS B 118 25.14 45.01 -4.79
CA LYS B 118 25.62 43.98 -3.87
C LYS B 118 24.82 42.69 -4.02
N ASP B 119 25.45 41.59 -3.65
CA ASP B 119 24.81 40.30 -3.70
C ASP B 119 23.74 40.34 -2.62
N TYR B 120 22.52 39.97 -2.97
CA TYR B 120 21.45 39.99 -1.99
C TYR B 120 21.14 38.56 -1.58
N ILE B 121 20.50 37.82 -2.49
CA ILE B 121 20.12 36.46 -2.21
C ILE B 121 20.29 35.62 -3.45
N GLU B 122 20.54 34.34 -3.25
CA GLU B 122 20.76 33.42 -4.35
C GLU B 122 20.18 32.06 -4.05
N PHE B 123 19.62 31.42 -5.07
CA PHE B 123 19.01 30.12 -4.86
C PHE B 123 19.92 28.95 -5.18
N ASN B 124 20.01 28.00 -4.25
CA ASN B 124 20.81 26.80 -4.44
C ASN B 124 19.85 25.63 -4.63
N LYS B 125 19.70 25.14 -5.85
CA LYS B 125 18.77 24.04 -6.09
C LYS B 125 19.27 22.67 -5.61
N GLU B 126 20.52 22.60 -5.18
CA GLU B 126 21.04 21.32 -4.73
C GLU B 126 20.67 21.04 -3.29
N ILE B 127 20.32 22.08 -2.54
CA ILE B 127 19.93 21.91 -1.14
C ILE B 127 18.52 21.33 -0.97
N PRO B 128 17.47 22.01 -1.47
CA PRO B 128 17.43 23.28 -2.18
C PRO B 128 17.02 24.36 -1.19
N ALA B 129 17.51 25.57 -1.39
CA ALA B 129 17.16 26.65 -0.49
C ALA B 129 17.84 27.92 -0.93
N TRP B 130 17.35 29.04 -0.45
CA TRP B 130 17.95 30.30 -0.80
C TRP B 130 19.12 30.60 0.11
N VAL B 131 20.10 31.31 -0.42
CA VAL B 131 21.27 31.68 0.33
C VAL B 131 21.29 33.19 0.50
N PRO B 132 21.30 33.66 1.75
CA PRO B 132 21.31 35.11 1.97
C PRO B 132 22.74 35.63 1.99
N PHE B 133 22.90 36.90 1.64
CA PHE B 133 24.22 37.52 1.61
C PHE B 133 24.13 38.83 2.37
N ASP B 134 22.97 39.44 2.24
CA ASP B 134 22.70 40.70 2.87
C ASP B 134 21.80 40.42 4.07
N PRO B 135 21.99 41.16 5.17
CA PRO B 135 21.16 40.94 6.35
C PRO B 135 19.67 40.85 6.03
N ALA B 136 19.15 41.82 5.28
CA ALA B 136 17.74 41.81 4.91
C ALA B 136 17.37 40.53 4.12
N ALA B 137 18.32 40.00 3.37
CA ALA B 137 18.07 38.78 2.59
C ALA B 137 17.59 37.68 3.52
N GLN B 138 17.92 37.81 4.81
CA GLN B 138 17.51 36.83 5.79
C GLN B 138 16.00 36.84 5.95
N ILE B 139 15.43 38.05 5.98
CA ILE B 139 13.98 38.22 6.10
C ILE B 139 13.34 37.69 4.83
N THR B 140 13.92 38.09 3.71
CA THR B 140 13.41 37.66 2.42
C THR B 140 13.50 36.15 2.31
N LYS B 141 14.63 35.59 2.75
CA LYS B 141 14.82 34.14 2.73
C LYS B 141 13.66 33.51 3.51
N GLN B 142 13.35 34.09 4.67
CA GLN B 142 12.28 33.61 5.52
C GLN B 142 10.99 33.49 4.77
N LYS B 143 10.51 34.62 4.27
CA LYS B 143 9.26 34.67 3.52
C LYS B 143 9.21 33.63 2.39
N TRP B 144 10.22 33.68 1.52
CA TRP B 144 10.31 32.78 0.38
C TRP B 144 10.34 31.30 0.68
N GLU B 145 10.50 30.94 1.95
CA GLU B 145 10.52 29.53 2.33
C GLU B 145 9.51 29.26 3.42
N ALA B 146 8.53 30.16 3.56
CA ALA B 146 7.51 30.02 4.59
C ALA B 146 6.78 28.71 4.44
N GLU B 147 6.74 28.21 3.21
CA GLU B 147 6.10 26.94 2.91
C GLU B 147 7.10 26.00 2.26
N PRO B 148 7.05 24.71 2.64
CA PRO B 148 7.96 23.71 2.08
C PRO B 148 7.85 23.64 0.56
N VAL B 149 6.65 23.95 0.04
CA VAL B 149 6.38 23.92 -1.40
C VAL B 149 7.28 24.87 -2.19
N TYR B 150 7.31 26.12 -1.75
CA TYR B 150 8.09 27.15 -2.40
C TYR B 150 9.43 26.70 -2.97
N VAL B 151 10.30 26.21 -2.09
CA VAL B 151 11.61 25.76 -2.54
C VAL B 151 11.51 24.68 -3.61
N GLN B 152 10.50 23.83 -3.50
CA GLN B 152 10.36 22.78 -4.47
C GLN B 152 9.99 23.35 -5.83
N ARG B 153 9.09 24.34 -5.83
CA ARG B 153 8.67 24.99 -7.06
C ARG B 153 9.89 25.58 -7.74
N ALA B 154 10.66 26.34 -6.97
CA ALA B 154 11.87 27.00 -7.48
C ALA B 154 12.77 25.99 -8.17
N LYS B 155 13.09 24.91 -7.47
CA LYS B 155 13.94 23.85 -8.01
C LYS B 155 13.34 23.37 -9.34
N ALA B 156 12.03 23.16 -9.33
CA ALA B 156 11.28 22.71 -10.50
C ALA B 156 11.51 23.62 -11.70
N TYR B 157 11.30 24.92 -11.48
CA TYR B 157 11.49 25.90 -12.54
C TYR B 157 12.83 25.73 -13.24
N LEU B 158 13.91 25.78 -12.46
CA LEU B 158 15.26 25.67 -13.02
C LEU B 158 15.56 24.33 -13.68
N GLU B 159 15.19 23.24 -13.00
CA GLU B 159 15.47 21.90 -13.52
C GLU B 159 14.47 21.37 -14.53
N GLU B 160 13.24 21.89 -14.47
CA GLU B 160 12.20 21.42 -15.37
C GLU B 160 11.70 22.42 -16.39
N GLU B 161 11.01 23.44 -15.91
CA GLU B 161 10.44 24.46 -16.79
C GLU B 161 11.42 25.19 -17.70
N CYS B 162 12.38 25.87 -17.09
CA CYS B 162 13.36 26.62 -17.86
C CYS B 162 13.89 25.78 -19.02
N PRO B 163 14.55 24.65 -18.72
CA PRO B 163 15.08 23.84 -19.82
C PRO B 163 14.04 23.47 -20.86
N ALA B 164 12.81 23.17 -20.43
CA ALA B 164 11.75 22.83 -21.38
C ALA B 164 11.56 23.98 -22.36
N THR B 165 11.47 25.19 -21.81
CA THR B 165 11.29 26.38 -22.62
C THR B 165 12.47 26.58 -23.55
N LEU B 166 13.66 26.29 -23.04
CA LEU B 166 14.86 26.42 -23.84
C LEU B 166 14.72 25.47 -25.03
N ARG B 167 14.30 24.25 -24.75
CA ARG B 167 14.11 23.23 -25.79
C ARG B 167 13.24 23.76 -26.91
N LYS B 168 12.10 24.33 -26.57
CA LYS B 168 11.20 24.81 -27.60
C LYS B 168 11.76 25.98 -28.40
N TYR B 169 12.39 26.92 -27.72
CA TYR B 169 12.94 28.06 -28.45
C TYR B 169 14.00 27.56 -29.43
N LEU B 170 14.72 26.52 -29.03
CA LEU B 170 15.75 25.98 -29.90
C LEU B 170 15.16 25.54 -31.21
N LYS B 171 13.98 24.95 -31.15
CA LYS B 171 13.32 24.50 -32.35
C LYS B 171 13.16 25.65 -33.32
N TYR B 172 12.92 26.85 -32.77
CA TYR B 172 12.75 28.04 -33.60
C TYR B 172 13.99 28.90 -33.79
N SER B 173 14.91 28.89 -32.85
CA SER B 173 16.05 29.75 -33.02
C SER B 173 17.34 29.05 -33.44
N LYS B 174 17.37 27.73 -33.27
CA LYS B 174 18.54 26.94 -33.63
C LYS B 174 19.32 27.53 -34.79
N ASN B 175 18.63 27.88 -35.88
CA ASN B 175 19.29 28.46 -37.04
C ASN B 175 20.19 29.59 -36.59
N ILE B 176 19.54 30.64 -36.10
CA ILE B 176 20.19 31.84 -35.60
C ILE B 176 21.47 31.54 -34.82
N LEU B 177 21.32 30.81 -33.72
CA LEU B 177 22.43 30.48 -32.86
C LEU B 177 23.49 29.57 -33.44
N ASP B 178 23.07 28.67 -34.31
CA ASP B 178 24.05 27.76 -34.86
C ASP B 178 24.74 28.32 -36.07
N ARG B 179 24.21 29.42 -36.60
CA ARG B 179 24.83 29.95 -37.80
C ARG B 179 26.33 30.17 -37.68
N GLN B 180 26.97 30.15 -38.85
CA GLN B 180 28.40 30.29 -38.97
C GLN B 180 28.69 31.32 -40.07
N ASP B 181 28.54 32.60 -39.74
CA ASP B 181 28.78 33.66 -40.71
C ASP B 181 30.24 34.05 -40.71
N PRO B 182 30.91 34.01 -41.88
CA PRO B 182 32.33 34.35 -42.01
C PRO B 182 32.64 35.85 -41.97
N PRO B 183 33.82 36.23 -41.44
CA PRO B 183 34.20 37.63 -41.36
C PRO B 183 34.81 38.23 -42.62
N SER B 184 34.51 39.51 -42.84
CA SER B 184 35.08 40.26 -43.94
C SER B 184 36.18 41.01 -43.21
N VAL B 185 37.37 41.11 -43.80
CA VAL B 185 38.43 41.83 -43.13
C VAL B 185 38.92 43.01 -43.92
N VAL B 186 39.18 44.12 -43.24
CA VAL B 186 39.64 45.32 -43.90
C VAL B 186 40.82 45.92 -43.17
N VAL B 187 41.85 46.27 -43.92
CA VAL B 187 43.02 46.90 -43.33
C VAL B 187 42.95 48.40 -43.61
N THR B 188 43.26 49.19 -42.59
CA THR B 188 43.23 50.64 -42.67
C THR B 188 44.46 51.20 -42.01
N SER B 189 44.73 52.49 -42.24
CA SER B 189 45.90 53.10 -41.62
C SER B 189 45.62 54.52 -41.13
N HIS B 190 46.51 55.00 -40.27
CA HIS B 190 46.37 56.33 -39.67
C HIS B 190 47.76 56.90 -39.40
N GLN B 191 47.94 58.19 -39.63
CA GLN B 191 49.24 58.82 -39.41
C GLN B 191 49.20 60.32 -39.11
N ALA B 192 49.63 60.68 -37.91
CA ALA B 192 49.66 62.07 -37.50
C ALA B 192 51.12 62.49 -37.49
N PRO B 193 51.39 63.79 -37.66
CA PRO B 193 52.79 64.24 -37.65
C PRO B 193 53.50 63.98 -36.31
N GLY B 194 54.65 63.33 -36.37
CA GLY B 194 55.42 63.05 -35.16
C GLY B 194 54.91 61.89 -34.32
N GLU B 195 54.18 60.98 -34.96
CA GLU B 195 53.63 59.81 -34.30
C GLU B 195 53.80 58.56 -35.15
N LYS B 196 53.99 57.41 -34.50
CA LYS B 196 54.15 56.17 -35.24
C LYS B 196 52.92 55.92 -36.13
N LYS B 197 53.15 55.43 -37.34
CA LYS B 197 52.06 55.13 -38.27
C LYS B 197 51.25 54.02 -37.60
N LYS B 198 49.93 54.09 -37.69
CA LYS B 198 49.12 53.06 -37.04
C LYS B 198 48.21 52.29 -38.00
N LEU B 199 48.41 50.98 -38.01
CA LEU B 199 47.66 50.07 -38.86
C LEU B 199 46.52 49.43 -38.10
N LYS B 200 45.36 49.37 -38.72
CA LYS B 200 44.17 48.81 -38.11
C LYS B 200 43.55 47.71 -38.95
N CYS B 201 43.25 46.60 -38.30
CA CYS B 201 42.64 45.48 -38.97
C CYS B 201 41.24 45.27 -38.42
N LEU B 202 40.27 45.15 -39.30
CA LEU B 202 38.90 44.97 -38.85
C LEU B 202 38.22 43.75 -39.45
N ALA B 203 37.73 42.87 -38.59
CA ALA B 203 37.02 41.69 -39.04
C ALA B 203 35.58 42.05 -38.71
N TYR B 204 34.63 41.73 -39.60
CA TYR B 204 33.24 42.08 -39.32
C TYR B 204 32.20 41.20 -39.99
N ASP B 205 30.94 41.44 -39.60
CA ASP B 205 29.80 40.70 -40.10
C ASP B 205 29.93 39.21 -39.81
N PHE B 206 30.70 38.86 -38.79
CA PHE B 206 30.88 37.46 -38.48
C PHE B 206 30.12 36.98 -37.25
N TYR B 207 30.02 35.67 -37.12
CA TYR B 207 29.33 35.04 -36.00
C TYR B 207 29.72 33.57 -36.06
N PRO B 208 30.01 32.94 -34.91
CA PRO B 208 30.03 33.42 -33.52
C PRO B 208 31.09 34.46 -33.24
N GLY B 209 31.11 34.94 -32.00
CA GLY B 209 32.06 35.96 -31.63
C GLY B 209 33.51 35.53 -31.50
N LYS B 210 33.73 34.28 -31.09
CA LYS B 210 35.09 33.75 -30.92
C LYS B 210 35.90 33.95 -32.21
N ILE B 211 36.97 34.74 -32.14
CA ILE B 211 37.79 35.00 -33.31
C ILE B 211 39.23 35.36 -32.95
N ASP B 212 40.15 35.16 -33.90
CA ASP B 212 41.54 35.51 -33.69
C ASP B 212 41.97 36.50 -34.76
N VAL B 213 42.31 37.70 -34.31
CA VAL B 213 42.74 38.75 -35.21
C VAL B 213 44.04 39.30 -34.65
N HIS B 214 45.11 39.20 -35.43
CA HIS B 214 46.40 39.70 -34.99
C HIS B 214 47.23 40.16 -36.18
N TRP B 215 48.21 40.99 -35.90
CA TRP B 215 49.11 41.49 -36.93
C TRP B 215 50.41 40.71 -36.89
N THR B 216 51.13 40.71 -38.00
CA THR B 216 52.41 40.04 -38.08
C THR B 216 53.36 41.00 -38.76
N ARG B 217 54.60 41.03 -38.28
CA ARG B 217 55.65 41.87 -38.82
C ARG B 217 56.68 40.95 -39.44
N ALA B 218 56.65 40.82 -40.77
CA ALA B 218 57.58 39.96 -41.47
C ALA B 218 57.42 38.51 -41.05
N GLY B 219 56.24 38.18 -40.51
CA GLY B 219 55.99 36.81 -40.10
C GLY B 219 55.94 36.58 -38.60
N GLU B 220 56.32 37.58 -37.83
CA GLU B 220 56.30 37.46 -36.39
C GLU B 220 55.09 38.19 -35.81
N VAL B 221 54.30 37.49 -35.01
CA VAL B 221 53.11 38.09 -34.42
C VAL B 221 53.45 39.35 -33.64
N GLN B 222 52.66 40.39 -33.87
CA GLN B 222 52.87 41.66 -33.21
C GLN B 222 51.82 41.94 -32.13
N GLU B 223 52.32 42.33 -30.97
CA GLU B 223 51.47 42.68 -29.82
C GLU B 223 50.70 43.95 -30.19
N PRO B 224 49.36 43.91 -30.13
CA PRO B 224 48.54 45.08 -30.46
C PRO B 224 48.66 46.27 -29.49
N GLU B 225 48.55 47.48 -30.03
CA GLU B 225 48.61 48.69 -29.24
C GLU B 225 47.21 48.94 -28.73
N LEU B 226 46.25 48.44 -29.48
CA LEU B 226 44.86 48.62 -29.11
C LEU B 226 43.98 47.54 -29.75
N ARG B 227 43.09 46.99 -28.94
CA ARG B 227 42.16 45.97 -29.38
C ARG B 227 40.76 46.55 -29.24
N GLY B 228 39.76 45.82 -29.69
CA GLY B 228 38.39 46.30 -29.59
C GLY B 228 37.45 45.40 -30.37
N ASP B 229 36.27 45.17 -29.82
CA ASP B 229 35.28 44.34 -30.49
C ASP B 229 33.88 44.65 -30.01
N VAL B 230 32.90 44.38 -30.87
CA VAL B 230 31.51 44.69 -30.57
C VAL B 230 30.54 43.67 -31.11
N LEU B 231 29.38 43.59 -30.45
CA LEU B 231 28.30 42.72 -30.89
C LEU B 231 27.13 43.62 -31.26
N HIS B 232 26.57 43.39 -32.45
CA HIS B 232 25.42 44.17 -32.89
C HIS B 232 24.28 43.19 -32.78
N ASN B 233 23.54 43.27 -31.68
CA ASN B 233 22.45 42.34 -31.42
C ASN B 233 21.31 42.27 -32.44
N GLY B 234 20.65 43.38 -32.71
CA GLY B 234 19.56 43.32 -33.66
C GLY B 234 20.01 42.61 -34.93
N ASN B 235 21.30 42.74 -35.18
CA ASN B 235 21.93 42.17 -36.36
C ASN B 235 22.41 40.73 -36.17
N GLY B 236 23.00 40.44 -35.01
CA GLY B 236 23.49 39.12 -34.77
C GLY B 236 24.91 38.95 -35.28
N THR B 237 25.60 40.06 -35.50
CA THR B 237 26.99 39.96 -35.96
C THR B 237 27.98 40.67 -35.05
N TYR B 238 29.24 40.26 -35.17
CA TYR B 238 30.33 40.81 -34.39
C TYR B 238 31.30 41.60 -35.25
N GLN B 239 32.14 42.37 -34.58
CA GLN B 239 33.17 43.17 -35.22
C GLN B 239 34.34 43.21 -34.24
N SER B 240 35.53 42.93 -34.74
CA SER B 240 36.71 42.92 -33.89
C SER B 240 37.83 43.58 -34.67
N TRP B 241 38.55 44.48 -34.02
CA TRP B 241 39.63 45.19 -34.69
C TRP B 241 40.89 45.23 -33.82
N VAL B 242 42.02 45.45 -34.47
CA VAL B 242 43.31 45.50 -33.78
C VAL B 242 44.20 46.55 -34.42
N VAL B 243 44.91 47.29 -33.59
CA VAL B 243 45.80 48.33 -34.08
C VAL B 243 47.23 48.20 -33.62
N VAL B 244 48.15 48.24 -34.59
CA VAL B 244 49.58 48.17 -34.31
C VAL B 244 50.18 49.50 -34.69
N ALA B 245 51.20 49.91 -33.95
CA ALA B 245 51.90 51.14 -34.22
C ALA B 245 53.27 50.78 -34.81
N VAL B 246 53.48 51.09 -36.09
CA VAL B 246 54.74 50.76 -36.71
C VAL B 246 55.82 51.79 -36.34
N PRO B 247 57.06 51.31 -36.15
CA PRO B 247 58.21 52.15 -35.79
C PRO B 247 58.39 53.30 -36.77
N PRO B 248 59.27 54.26 -36.44
CA PRO B 248 59.53 55.42 -37.28
C PRO B 248 59.90 55.00 -38.71
N GLN B 249 60.76 53.99 -38.78
CA GLN B 249 61.22 53.46 -40.04
C GLN B 249 61.08 51.95 -39.98
N ASP B 250 60.55 51.37 -41.03
CA ASP B 250 60.37 49.92 -41.08
C ASP B 250 59.84 49.48 -42.42
N THR B 251 60.57 48.59 -43.07
CA THR B 251 60.17 48.08 -44.38
C THR B 251 59.35 46.80 -44.22
N ALA B 252 59.53 46.13 -43.09
CA ALA B 252 58.82 44.87 -42.82
C ALA B 252 57.40 44.86 -43.38
N PRO B 253 57.03 43.76 -44.07
CA PRO B 253 55.67 43.72 -44.62
C PRO B 253 54.76 43.38 -43.45
N TYR B 254 53.67 44.11 -43.31
CA TYR B 254 52.75 43.81 -42.23
C TYR B 254 51.52 43.17 -42.86
N SER B 255 51.03 42.10 -42.23
CA SER B 255 49.84 41.44 -42.71
C SER B 255 48.92 41.17 -41.54
N CYS B 256 47.62 41.16 -41.82
CA CYS B 256 46.66 40.89 -40.78
C CYS B 256 46.23 39.44 -40.92
N HIS B 257 46.14 38.73 -39.78
CA HIS B 257 45.72 37.33 -39.80
C HIS B 257 44.43 37.15 -39.02
N VAL B 258 43.42 36.57 -39.68
CA VAL B 258 42.12 36.33 -39.05
C VAL B 258 41.72 34.85 -39.07
N GLN B 259 41.52 34.28 -37.89
CA GLN B 259 41.10 32.87 -37.78
C GLN B 259 39.70 32.85 -37.19
N HIS B 260 38.83 32.05 -37.78
CA HIS B 260 37.46 31.96 -37.30
C HIS B 260 36.84 30.61 -37.65
N SER B 261 36.00 30.11 -36.75
CA SER B 261 35.33 28.83 -36.92
C SER B 261 34.67 28.66 -38.29
N SER B 262 34.15 29.74 -38.85
CA SER B 262 33.48 29.64 -40.15
C SER B 262 34.48 29.54 -41.30
N LEU B 263 35.77 29.74 -40.99
CA LEU B 263 36.80 29.68 -42.01
C LEU B 263 37.64 28.42 -41.94
N ALA B 264 37.74 27.75 -43.09
CA ALA B 264 38.50 26.51 -43.20
C ALA B 264 39.98 26.82 -43.10
N GLN B 265 40.35 27.98 -43.60
CA GLN B 265 41.75 28.40 -43.58
C GLN B 265 41.86 29.82 -43.09
N PRO B 266 42.92 30.12 -42.33
CA PRO B 266 43.07 31.48 -41.84
C PRO B 266 43.09 32.44 -43.02
N LEU B 267 42.47 33.60 -42.84
CA LEU B 267 42.38 34.61 -43.87
C LEU B 267 43.49 35.63 -43.64
N VAL B 268 44.31 35.87 -44.65
CA VAL B 268 45.41 36.83 -44.50
C VAL B 268 45.32 38.00 -45.47
N VAL B 269 45.34 39.19 -44.89
CA VAL B 269 45.28 40.42 -45.65
C VAL B 269 46.54 41.19 -45.38
N PRO B 270 47.34 41.43 -46.43
CA PRO B 270 48.58 42.18 -46.29
C PRO B 270 48.27 43.66 -46.40
N TRP B 271 49.13 44.48 -45.81
CA TRP B 271 48.98 45.93 -45.88
C TRP B 271 49.95 46.46 -46.94
N GLU B 272 49.39 46.92 -48.07
CA GLU B 272 50.16 47.46 -49.18
C GLU B 272 50.67 48.86 -48.89
N ALA B 273 51.81 48.93 -48.21
CA ALA B 273 52.44 50.20 -47.82
C ALA B 273 52.56 51.18 -49.00
N SER B 274 53.21 50.73 -50.06
CA SER B 274 53.42 51.55 -51.26
C SER B 274 54.26 52.79 -50.97
N GLY C 2 2.19 -9.78 -3.37
CA GLY C 2 1.13 -10.23 -2.41
C GLY C 2 0.28 -11.34 -2.98
N ARG C 3 -0.49 -12.01 -2.12
CA ARG C 3 -1.35 -13.11 -2.57
C ARG C 3 -2.79 -12.69 -2.79
N TYR C 4 -3.25 -12.78 -4.04
CA TYR C 4 -4.62 -12.44 -4.34
C TYR C 4 -5.24 -13.64 -4.98
N SER C 5 -6.55 -13.74 -4.84
CA SER C 5 -7.30 -14.84 -5.42
C SER C 5 -8.63 -14.37 -5.99
N LEU C 6 -9.02 -15.03 -7.08
CA LEU C 6 -10.29 -14.75 -7.75
C LEU C 6 -11.09 -16.03 -7.59
N THR C 7 -12.28 -15.93 -7.03
CA THR C 7 -13.09 -17.11 -6.80
C THR C 7 -14.54 -17.00 -7.21
N TYR C 8 -15.07 -18.05 -7.84
CA TYR C 8 -16.47 -18.06 -8.25
C TYR C 8 -17.19 -19.28 -7.69
N ILE C 9 -18.45 -19.08 -7.31
CA ILE C 9 -19.24 -20.16 -6.76
C ILE C 9 -20.63 -20.15 -7.37
N TYR C 10 -20.92 -21.23 -8.08
CA TYR C 10 -22.21 -21.39 -8.73
C TYR C 10 -23.01 -22.43 -7.96
N THR C 11 -24.28 -22.14 -7.72
CA THR C 11 -25.14 -23.05 -7.00
C THR C 11 -26.49 -23.23 -7.70
N GLY C 12 -26.81 -24.46 -8.10
CA GLY C 12 -28.07 -24.71 -8.78
C GLY C 12 -28.95 -25.72 -8.08
N LEU C 13 -30.27 -25.48 -8.09
CA LEU C 13 -31.24 -26.36 -7.46
C LEU C 13 -32.22 -26.95 -8.49
N SER C 14 -32.36 -28.27 -8.48
CA SER C 14 -33.27 -28.91 -9.43
C SER C 14 -34.73 -28.53 -9.13
N LYS C 15 -35.01 -28.34 -7.84
CA LYS C 15 -36.35 -27.95 -7.38
C LYS C 15 -36.16 -26.87 -6.32
N HIS C 16 -36.72 -25.70 -6.56
CA HIS C 16 -36.54 -24.64 -5.61
C HIS C 16 -37.82 -23.97 -5.21
N VAL C 17 -37.80 -23.47 -3.98
CA VAL C 17 -38.89 -22.73 -3.37
C VAL C 17 -38.96 -21.38 -4.05
N GLU C 18 -40.07 -20.67 -3.88
CA GLU C 18 -40.27 -19.39 -4.53
C GLU C 18 -39.33 -18.30 -4.07
N ASP C 19 -38.99 -18.32 -2.79
CA ASP C 19 -38.12 -17.30 -2.25
C ASP C 19 -36.66 -17.55 -2.56
N VAL C 20 -36.38 -18.58 -3.36
CA VAL C 20 -35.00 -18.92 -3.72
C VAL C 20 -34.76 -19.19 -5.20
N PRO C 21 -33.96 -18.33 -5.86
CA PRO C 21 -33.64 -18.49 -7.29
C PRO C 21 -32.95 -19.82 -7.52
N ALA C 22 -33.28 -20.46 -8.64
CA ALA C 22 -32.71 -21.75 -8.99
C ALA C 22 -31.18 -21.71 -9.13
N PHE C 23 -30.68 -20.63 -9.73
CA PHE C 23 -29.24 -20.49 -9.93
C PHE C 23 -28.70 -19.25 -9.23
N GLN C 24 -27.55 -19.41 -8.59
CA GLN C 24 -26.92 -18.30 -7.90
C GLN C 24 -25.43 -18.36 -8.12
N ALA C 25 -24.87 -17.20 -8.46
CA ALA C 25 -23.45 -17.08 -8.70
C ALA C 25 -22.87 -15.97 -7.84
N LEU C 26 -21.63 -16.15 -7.40
CA LEU C 26 -20.99 -15.13 -6.61
C LEU C 26 -19.50 -15.21 -6.77
N GLY C 27 -18.87 -14.05 -6.79
CA GLY C 27 -17.43 -14.01 -6.96
C GLY C 27 -16.75 -13.25 -5.83
N SER C 28 -15.52 -13.65 -5.54
CA SER C 28 -14.77 -13.04 -4.48
C SER C 28 -13.33 -12.80 -4.86
N LEU C 29 -12.79 -11.74 -4.31
CA LEU C 29 -11.40 -11.38 -4.48
C LEU C 29 -10.91 -11.51 -3.04
N ASN C 30 -9.98 -12.43 -2.82
CA ASN C 30 -9.51 -12.68 -1.48
C ASN C 30 -10.71 -12.98 -0.60
N ASP C 31 -10.82 -12.31 0.54
CA ASP C 31 -11.91 -12.56 1.48
C ASP C 31 -13.20 -11.80 1.21
N LEU C 32 -13.18 -10.90 0.23
CA LEU C 32 -14.37 -10.12 -0.06
C LEU C 32 -15.13 -10.52 -1.31
N GLN C 33 -16.45 -10.37 -1.23
CA GLN C 33 -17.36 -10.69 -2.31
C GLN C 33 -17.52 -9.42 -3.13
N PHE C 34 -17.15 -9.47 -4.40
CA PHE C 34 -17.26 -8.29 -5.23
C PHE C 34 -18.47 -8.27 -6.15
N PHE C 35 -19.17 -9.39 -6.30
CA PHE C 35 -20.34 -9.41 -7.17
C PHE C 35 -21.20 -10.63 -6.98
N ARG C 36 -22.43 -10.54 -7.48
CA ARG C 36 -23.38 -11.64 -7.41
C ARG C 36 -24.23 -11.67 -8.68
N TYR C 37 -25.13 -12.65 -8.75
CA TYR C 37 -26.01 -12.83 -9.89
C TYR C 37 -26.93 -14.01 -9.61
N ASN C 38 -28.22 -13.86 -9.90
CA ASN C 38 -29.13 -14.96 -9.69
C ASN C 38 -30.07 -15.12 -10.87
N SER C 39 -30.60 -16.32 -11.02
CA SER C 39 -31.49 -16.67 -12.13
C SER C 39 -32.76 -15.85 -12.20
N LYS C 40 -33.10 -15.15 -11.12
CA LYS C 40 -34.31 -14.34 -11.09
C LYS C 40 -34.10 -12.98 -11.74
N ASP C 41 -33.18 -12.19 -11.20
CA ASP C 41 -32.90 -10.88 -11.76
C ASP C 41 -32.01 -10.98 -12.99
N ARG C 42 -31.35 -12.11 -13.14
CA ARG C 42 -30.44 -12.33 -14.26
C ARG C 42 -29.53 -11.12 -14.46
N LYS C 43 -29.13 -10.51 -13.35
CA LYS C 43 -28.27 -9.33 -13.40
C LYS C 43 -27.00 -9.48 -12.56
N SER C 44 -25.85 -9.16 -13.17
CA SER C 44 -24.55 -9.21 -12.49
C SER C 44 -24.41 -7.87 -11.76
N GLN C 45 -24.49 -7.91 -10.44
CA GLN C 45 -24.37 -6.70 -9.66
C GLN C 45 -23.16 -6.71 -8.76
N PRO C 46 -22.41 -5.59 -8.72
CA PRO C 46 -21.21 -5.47 -7.88
C PRO C 46 -21.64 -5.41 -6.43
N MET C 47 -20.71 -5.66 -5.51
CA MET C 47 -21.06 -5.64 -4.10
C MET C 47 -20.01 -5.01 -3.20
N GLY C 48 -20.40 -4.83 -1.94
CA GLY C 48 -19.49 -4.26 -0.97
C GLY C 48 -18.82 -2.99 -1.47
N LEU C 49 -17.51 -2.92 -1.29
CA LEU C 49 -16.75 -1.75 -1.72
C LEU C 49 -16.70 -1.56 -3.24
N TRP C 50 -16.97 -2.62 -3.99
CA TRP C 50 -16.93 -2.53 -5.44
C TRP C 50 -18.16 -1.84 -6.03
N ARG C 51 -19.13 -1.49 -5.20
CA ARG C 51 -20.32 -0.82 -5.72
C ARG C 51 -19.93 0.55 -6.26
N GLN C 52 -18.99 1.21 -5.57
CA GLN C 52 -18.51 2.52 -5.95
C GLN C 52 -17.25 2.48 -6.82
N VAL C 53 -17.02 1.36 -7.47
CA VAL C 53 -15.86 1.24 -8.35
C VAL C 53 -16.42 1.12 -9.74
N GLU C 54 -15.95 1.97 -10.64
CA GLU C 54 -16.42 1.93 -12.01
C GLU C 54 -15.31 1.64 -12.99
N GLY C 55 -15.70 1.04 -14.10
CA GLY C 55 -14.74 0.68 -15.13
C GLY C 55 -14.07 -0.66 -14.92
N MET C 56 -14.23 -1.25 -13.73
CA MET C 56 -13.59 -2.53 -13.47
C MET C 56 -14.18 -3.60 -14.36
N GLU C 57 -15.51 -3.64 -14.41
CA GLU C 57 -16.19 -4.62 -15.24
C GLU C 57 -17.48 -4.10 -15.84
N ASP C 58 -17.79 -4.60 -17.03
CA ASP C 58 -19.01 -4.25 -17.77
C ASP C 58 -20.09 -5.17 -17.23
N TRP C 59 -20.85 -4.69 -16.25
CA TRP C 59 -21.89 -5.49 -15.63
C TRP C 59 -23.00 -5.92 -16.56
N LYS C 60 -23.21 -5.14 -17.61
CA LYS C 60 -24.24 -5.47 -18.59
C LYS C 60 -23.77 -6.70 -19.37
N GLN C 61 -22.56 -6.61 -19.92
CA GLN C 61 -21.98 -7.69 -20.71
C GLN C 61 -21.73 -8.94 -19.88
N ASP C 62 -21.38 -8.78 -18.62
CA ASP C 62 -21.14 -9.93 -17.77
C ASP C 62 -22.46 -10.66 -17.53
N SER C 63 -23.52 -9.88 -17.30
CA SER C 63 -24.84 -10.46 -17.06
C SER C 63 -25.15 -11.44 -18.18
N GLN C 64 -24.65 -11.14 -19.36
CA GLN C 64 -24.87 -12.01 -20.51
C GLN C 64 -24.03 -13.28 -20.37
N LEU C 65 -22.80 -13.12 -19.90
CA LEU C 65 -21.89 -14.23 -19.70
C LEU C 65 -22.47 -15.20 -18.68
N GLN C 66 -23.05 -14.66 -17.62
CA GLN C 66 -23.64 -15.49 -16.58
C GLN C 66 -24.85 -16.26 -17.10
N LYS C 67 -25.74 -15.59 -17.84
CA LYS C 67 -26.92 -16.28 -18.34
C LYS C 67 -26.49 -17.46 -19.18
N ALA C 68 -25.35 -17.34 -19.84
CA ALA C 68 -24.86 -18.44 -20.66
C ALA C 68 -24.53 -19.59 -19.73
N ARG C 69 -23.58 -19.31 -18.83
CA ARG C 69 -23.10 -20.27 -17.83
C ARG C 69 -24.28 -20.93 -17.13
N GLU C 70 -25.25 -20.10 -16.74
CA GLU C 70 -26.44 -20.60 -16.05
C GLU C 70 -27.07 -21.73 -16.84
N ASP C 71 -27.44 -21.45 -18.08
CA ASP C 71 -28.07 -22.44 -18.94
C ASP C 71 -27.29 -23.73 -18.96
N ILE C 72 -25.97 -23.60 -19.12
CA ILE C 72 -25.08 -24.76 -19.14
C ILE C 72 -25.04 -25.50 -17.81
N PHE C 73 -24.73 -24.76 -16.75
CA PHE C 73 -24.63 -25.33 -15.40
C PHE C 73 -25.91 -26.09 -15.05
N MET C 74 -27.04 -25.42 -15.17
CA MET C 74 -28.32 -26.03 -14.85
C MET C 74 -28.62 -27.27 -15.69
N GLU C 75 -28.18 -27.26 -16.94
CA GLU C 75 -28.40 -28.38 -17.84
C GLU C 75 -27.67 -29.60 -17.29
N THR C 76 -26.43 -29.35 -16.87
CA THR C 76 -25.61 -30.42 -16.32
C THR C 76 -26.32 -31.02 -15.13
N LEU C 77 -26.80 -30.15 -14.25
CA LEU C 77 -27.54 -30.59 -13.08
C LEU C 77 -28.71 -31.47 -13.53
N LYS C 78 -29.39 -31.04 -14.59
CA LYS C 78 -30.51 -31.80 -15.14
C LYS C 78 -30.08 -33.20 -15.53
N ASP C 79 -29.00 -33.30 -16.31
CA ASP C 79 -28.49 -34.59 -16.72
C ASP C 79 -28.21 -35.49 -15.51
N ILE C 80 -27.40 -35.00 -14.59
CA ILE C 80 -27.08 -35.78 -13.39
C ILE C 80 -28.33 -36.32 -12.73
N VAL C 81 -29.32 -35.45 -12.51
CA VAL C 81 -30.56 -35.87 -11.89
C VAL C 81 -31.21 -36.95 -12.72
N GLU C 82 -31.05 -36.80 -14.03
CA GLU C 82 -31.58 -37.74 -15.02
C GLU C 82 -30.95 -39.12 -14.81
N TYR C 83 -29.62 -39.17 -14.95
CA TYR C 83 -28.85 -40.39 -14.81
C TYR C 83 -29.33 -41.31 -13.67
N TYR C 84 -29.90 -40.71 -12.64
CA TYR C 84 -30.39 -41.45 -11.49
C TYR C 84 -31.93 -41.56 -11.44
N ASN C 85 -32.58 -41.04 -12.47
CA ASN C 85 -34.03 -41.05 -12.58
C ASN C 85 -34.72 -40.57 -11.29
N ASP C 86 -34.05 -39.66 -10.59
CA ASP C 86 -34.63 -39.11 -9.37
C ASP C 86 -34.98 -37.65 -9.58
N SER C 87 -35.94 -37.43 -10.46
CA SER C 87 -36.40 -36.09 -10.81
C SER C 87 -37.65 -35.71 -10.02
N ASN C 88 -38.00 -36.52 -9.03
CA ASN C 88 -39.16 -36.24 -8.21
C ASN C 88 -38.83 -35.32 -7.05
N GLY C 89 -37.55 -35.15 -6.78
CA GLY C 89 -37.14 -34.28 -5.69
C GLY C 89 -36.08 -33.27 -6.07
N SER C 90 -35.78 -32.36 -5.13
CA SER C 90 -34.78 -31.33 -5.34
C SER C 90 -33.34 -31.80 -5.15
N HIS C 91 -32.44 -31.30 -5.98
CA HIS C 91 -31.03 -31.66 -5.90
C HIS C 91 -30.16 -30.43 -5.98
N VAL C 92 -28.88 -30.58 -5.66
CA VAL C 92 -27.99 -29.43 -5.73
C VAL C 92 -26.70 -29.73 -6.44
N LEU C 93 -26.27 -28.77 -7.22
CA LEU C 93 -25.02 -28.87 -7.94
C LEU C 93 -24.30 -27.58 -7.60
N GLN C 94 -23.07 -27.72 -7.14
CA GLN C 94 -22.27 -26.56 -6.80
C GLN C 94 -20.96 -26.59 -7.52
N GLY C 95 -20.63 -25.46 -8.14
CA GLY C 95 -19.38 -25.35 -8.85
C GLY C 95 -18.52 -24.27 -8.23
N ARG C 96 -17.22 -24.54 -8.14
CA ARG C 96 -16.28 -23.62 -7.56
C ARG C 96 -15.04 -23.63 -8.43
N PHE C 97 -14.65 -22.46 -8.91
CA PHE C 97 -13.47 -22.37 -9.76
C PHE C 97 -12.82 -21.00 -9.61
N GLY C 98 -11.52 -20.96 -9.88
CA GLY C 98 -10.80 -19.72 -9.76
C GLY C 98 -9.31 -19.92 -9.85
N CYS C 99 -8.58 -18.82 -9.64
CA CYS C 99 -7.13 -18.83 -9.70
C CYS C 99 -6.56 -17.88 -8.66
N GLU C 100 -5.24 -17.92 -8.52
CA GLU C 100 -4.60 -17.06 -7.55
C GLU C 100 -3.16 -16.82 -7.98
N ILE C 101 -2.65 -15.65 -7.59
CA ILE C 101 -1.29 -15.25 -7.86
C ILE C 101 -0.71 -14.88 -6.51
N GLU C 102 0.60 -14.94 -6.41
CA GLU C 102 1.27 -14.57 -5.17
C GLU C 102 2.55 -13.93 -5.63
N ASN C 103 2.65 -12.62 -5.40
CA ASN C 103 3.82 -11.90 -5.83
C ASN C 103 3.83 -12.08 -7.35
N ASN C 104 2.91 -11.37 -8.01
CA ASN C 104 2.72 -11.40 -9.46
C ASN C 104 3.21 -12.69 -10.09
N ARG C 105 2.46 -13.76 -9.89
CA ARG C 105 2.85 -15.05 -10.44
C ARG C 105 1.79 -16.06 -10.05
N SER C 106 1.03 -16.53 -11.03
CA SER C 106 -0.04 -17.49 -10.79
C SER C 106 0.43 -18.59 -9.86
N SER C 107 -0.13 -18.57 -8.65
CA SER C 107 0.21 -19.52 -7.60
C SER C 107 -0.77 -20.67 -7.51
N GLY C 108 -1.75 -20.71 -8.40
CA GLY C 108 -2.70 -21.81 -8.34
C GLY C 108 -4.04 -21.58 -9.01
N ALA C 109 -4.79 -22.66 -9.18
CA ALA C 109 -6.10 -22.60 -9.79
C ALA C 109 -6.88 -23.88 -9.47
N PHE C 110 -8.19 -23.81 -9.65
CA PHE C 110 -9.05 -24.95 -9.34
C PHE C 110 -10.39 -24.90 -10.07
N TRP C 111 -11.01 -26.06 -10.20
CA TRP C 111 -12.28 -26.16 -10.87
C TRP C 111 -12.88 -27.47 -10.36
N LYS C 112 -13.96 -27.38 -9.60
CA LYS C 112 -14.56 -28.57 -9.03
C LYS C 112 -16.07 -28.41 -8.88
N TYR C 113 -16.78 -29.54 -8.90
CA TYR C 113 -18.24 -29.54 -8.76
C TYR C 113 -18.68 -30.50 -7.68
N TYR C 114 -19.77 -30.16 -7.00
CA TYR C 114 -20.30 -30.99 -5.94
C TYR C 114 -21.76 -31.26 -6.15
N TYR C 115 -22.10 -32.53 -6.31
CA TYR C 115 -23.48 -32.91 -6.49
C TYR C 115 -23.98 -33.33 -5.14
N ASP C 116 -25.02 -32.66 -4.70
CA ASP C 116 -25.61 -32.93 -3.39
C ASP C 116 -24.54 -33.05 -2.31
N GLY C 117 -23.68 -32.05 -2.21
CA GLY C 117 -22.64 -32.06 -1.20
C GLY C 117 -21.48 -32.99 -1.47
N LYS C 118 -21.72 -34.03 -2.26
CA LYS C 118 -20.67 -35.00 -2.60
C LYS C 118 -19.78 -34.51 -3.73
N ASP C 119 -18.54 -34.97 -3.74
CA ASP C 119 -17.60 -34.61 -4.78
C ASP C 119 -18.13 -35.23 -6.06
N TYR C 120 -18.27 -34.44 -7.12
CA TYR C 120 -18.77 -34.99 -8.36
C TYR C 120 -17.64 -35.13 -9.35
N ILE C 121 -17.17 -34.00 -9.87
CA ILE C 121 -16.09 -34.02 -10.84
C ILE C 121 -15.15 -32.84 -10.60
N GLU C 122 -13.89 -33.01 -10.97
CA GLU C 122 -12.88 -31.99 -10.75
C GLU C 122 -11.89 -31.98 -11.88
N PHE C 123 -11.47 -30.78 -12.28
CA PHE C 123 -10.53 -30.66 -13.38
C PHE C 123 -9.08 -30.59 -12.95
N ASN C 124 -8.26 -31.42 -13.57
CA ASN C 124 -6.84 -31.41 -13.29
C ASN C 124 -6.19 -30.79 -14.51
N LYS C 125 -5.91 -29.50 -14.43
CA LYS C 125 -5.32 -28.77 -15.53
C LYS C 125 -3.94 -29.27 -15.96
N GLU C 126 -3.39 -30.26 -15.25
CA GLU C 126 -2.06 -30.77 -15.62
C GLU C 126 -2.16 -31.86 -16.69
N ILE C 127 -2.94 -32.88 -16.41
CA ILE C 127 -3.09 -33.99 -17.33
C ILE C 127 -3.08 -33.58 -18.80
N PRO C 128 -4.01 -32.71 -19.23
CA PRO C 128 -5.10 -32.03 -18.51
C PRO C 128 -6.39 -32.82 -18.70
N ALA C 129 -7.14 -32.99 -17.64
CA ALA C 129 -8.38 -33.73 -17.77
C ALA C 129 -9.22 -33.66 -16.53
N TRP C 130 -10.47 -34.08 -16.68
CA TRP C 130 -11.38 -34.09 -15.57
C TRP C 130 -11.27 -35.39 -14.79
N VAL C 131 -11.48 -35.29 -13.49
CA VAL C 131 -11.41 -36.44 -12.61
C VAL C 131 -12.79 -36.71 -12.07
N PRO C 132 -13.30 -37.92 -12.29
CA PRO C 132 -14.64 -38.25 -11.79
C PRO C 132 -14.54 -38.80 -10.37
N PHE C 133 -15.60 -38.63 -9.59
CA PHE C 133 -15.63 -39.12 -8.22
C PHE C 133 -16.91 -39.89 -8.02
N ASP C 134 -17.93 -39.43 -8.71
CA ASP C 134 -19.25 -40.02 -8.66
C ASP C 134 -19.44 -40.81 -9.96
N PRO C 135 -20.12 -41.95 -9.88
CA PRO C 135 -20.34 -42.75 -11.09
C PRO C 135 -20.81 -41.94 -12.29
N ALA C 136 -21.85 -41.13 -12.09
CA ALA C 136 -22.37 -40.30 -13.18
C ALA C 136 -21.30 -39.35 -13.72
N ALA C 137 -20.38 -38.93 -12.87
CA ALA C 137 -19.33 -38.02 -13.30
C ALA C 137 -18.56 -38.65 -14.45
N GLN C 138 -18.64 -39.98 -14.57
CA GLN C 138 -17.96 -40.67 -15.66
C GLN C 138 -18.62 -40.30 -16.99
N ILE C 139 -19.94 -40.24 -17.00
CA ILE C 139 -20.69 -39.85 -18.19
C ILE C 139 -20.38 -38.40 -18.52
N THR C 140 -20.42 -37.58 -17.48
CA THR C 140 -20.15 -36.17 -17.66
C THR C 140 -18.71 -35.97 -18.12
N LYS C 141 -17.79 -36.73 -17.55
CA LYS C 141 -16.38 -36.67 -17.95
C LYS C 141 -16.30 -36.93 -19.45
N GLN C 142 -17.05 -37.96 -19.87
CA GLN C 142 -17.12 -38.37 -21.27
C GLN C 142 -17.48 -37.21 -22.18
N LYS C 143 -18.67 -36.65 -21.97
CA LYS C 143 -19.16 -35.52 -22.76
C LYS C 143 -18.16 -34.38 -22.82
N TRP C 144 -17.75 -33.91 -21.64
CA TRP C 144 -16.82 -32.80 -21.50
C TRP C 144 -15.45 -32.97 -22.18
N GLU C 145 -15.13 -34.20 -22.61
CA GLU C 145 -13.86 -34.43 -23.27
C GLU C 145 -14.11 -35.08 -24.63
N ALA C 146 -15.33 -34.97 -25.13
CA ALA C 146 -15.71 -35.53 -26.42
C ALA C 146 -14.64 -35.18 -27.43
N GLU C 147 -14.37 -33.88 -27.53
CA GLU C 147 -13.37 -33.35 -28.43
C GLU C 147 -12.15 -32.85 -27.67
N PRO C 148 -10.95 -33.24 -28.15
CA PRO C 148 -9.60 -32.94 -27.66
C PRO C 148 -9.38 -31.48 -27.26
N VAL C 149 -10.10 -30.60 -27.94
CA VAL C 149 -10.02 -29.17 -27.68
C VAL C 149 -10.51 -28.81 -26.29
N TYR C 150 -11.73 -29.22 -25.98
CA TYR C 150 -12.34 -28.95 -24.68
C TYR C 150 -11.36 -28.86 -23.52
N VAL C 151 -10.62 -29.93 -23.27
CA VAL C 151 -9.65 -29.94 -22.19
C VAL C 151 -8.63 -28.81 -22.34
N GLN C 152 -8.28 -28.51 -23.58
CA GLN C 152 -7.33 -27.45 -23.85
C GLN C 152 -7.89 -26.11 -23.42
N ARG C 153 -9.14 -25.87 -23.78
CA ARG C 153 -9.83 -24.63 -23.42
C ARG C 153 -9.84 -24.47 -21.92
N ALA C 154 -10.29 -25.52 -21.22
CA ALA C 154 -10.37 -25.51 -19.77
C ALA C 154 -9.03 -25.08 -19.16
N LYS C 155 -7.96 -25.76 -19.58
CA LYS C 155 -6.62 -25.44 -19.10
C LYS C 155 -6.30 -23.96 -19.32
N ALA C 156 -6.66 -23.48 -20.50
CA ALA C 156 -6.44 -22.10 -20.89
C ALA C 156 -7.12 -21.13 -19.92
N TYR C 157 -8.41 -21.38 -19.66
CA TYR C 157 -9.16 -20.53 -18.76
C TYR C 157 -8.42 -20.31 -17.44
N LEU C 158 -8.11 -21.41 -16.77
CA LEU C 158 -7.42 -21.35 -15.49
C LEU C 158 -6.01 -20.73 -15.55
N GLU C 159 -5.21 -21.16 -16.50
CA GLU C 159 -3.84 -20.67 -16.62
C GLU C 159 -3.70 -19.33 -17.34
N GLU C 160 -4.66 -19.00 -18.19
CA GLU C 160 -4.58 -17.76 -18.94
C GLU C 160 -5.65 -16.74 -18.62
N GLU C 161 -6.89 -17.05 -18.98
CA GLU C 161 -7.99 -16.13 -18.76
C GLU C 161 -8.21 -15.66 -17.34
N CYS C 162 -8.47 -16.61 -16.45
CA CYS C 162 -8.71 -16.27 -15.06
C CYS C 162 -7.67 -15.30 -14.52
N PRO C 163 -6.39 -15.71 -14.53
CA PRO C 163 -5.35 -14.80 -14.02
C PRO C 163 -5.37 -13.42 -14.67
N ALA C 164 -5.59 -13.37 -15.98
CA ALA C 164 -5.65 -12.10 -16.69
C ALA C 164 -6.72 -11.21 -16.06
N THR C 165 -7.89 -11.79 -15.85
CA THR C 165 -9.02 -11.08 -15.26
C THR C 165 -8.66 -10.64 -13.86
N LEU C 166 -7.94 -11.49 -13.15
CA LEU C 166 -7.53 -11.16 -11.80
C LEU C 166 -6.67 -9.92 -11.87
N ARG C 167 -5.71 -9.94 -12.80
CA ARG C 167 -4.80 -8.82 -13.02
C ARG C 167 -5.56 -7.51 -13.16
N LYS C 168 -6.54 -7.48 -14.06
CA LYS C 168 -7.28 -6.25 -14.25
C LYS C 168 -8.07 -5.80 -13.03
N TYR C 169 -8.73 -6.72 -12.34
CA TYR C 169 -9.49 -6.33 -11.16
C TYR C 169 -8.57 -5.74 -10.11
N LEU C 170 -7.35 -6.26 -10.07
CA LEU C 170 -6.39 -5.76 -9.10
C LEU C 170 -6.13 -4.28 -9.33
N LYS C 171 -6.04 -3.89 -10.58
CA LYS C 171 -5.80 -2.49 -10.91
C LYS C 171 -6.86 -1.64 -10.26
N TYR C 172 -8.09 -2.15 -10.18
CA TYR C 172 -9.18 -1.40 -9.59
C TYR C 172 -9.41 -1.74 -8.14
N SER C 173 -8.90 -2.87 -7.69
CA SER C 173 -9.14 -3.23 -6.32
C SER C 173 -7.95 -2.94 -5.45
N LYS C 174 -6.84 -2.54 -6.08
CA LYS C 174 -5.61 -2.22 -5.37
C LYS C 174 -5.93 -1.33 -4.18
N ASN C 175 -6.83 -0.39 -4.40
CA ASN C 175 -7.24 0.56 -3.37
C ASN C 175 -8.09 -0.07 -2.28
N ILE C 176 -8.48 -1.33 -2.47
CA ILE C 176 -9.30 -2.06 -1.50
C ILE C 176 -8.49 -3.22 -0.94
N LEU C 177 -8.13 -4.14 -1.81
CA LEU C 177 -7.38 -5.32 -1.43
C LEU C 177 -6.03 -5.04 -0.80
N ASP C 178 -5.55 -3.80 -0.85
CA ASP C 178 -4.25 -3.53 -0.28
C ASP C 178 -4.25 -2.56 0.89
N ARG C 179 -5.30 -1.75 0.98
CA ARG C 179 -5.39 -0.78 2.05
C ARG C 179 -5.15 -1.36 3.44
N GLN C 180 -4.80 -0.46 4.37
CA GLN C 180 -4.53 -0.80 5.75
C GLN C 180 -5.27 0.23 6.60
N ASP C 181 -6.57 0.02 6.79
CA ASP C 181 -7.37 0.94 7.59
C ASP C 181 -7.16 0.56 9.05
N PRO C 182 -6.53 1.45 9.81
CA PRO C 182 -6.29 1.18 11.22
C PRO C 182 -7.61 1.22 11.98
N PRO C 183 -7.66 0.49 13.10
CA PRO C 183 -8.80 0.34 14.00
C PRO C 183 -9.10 1.46 14.98
N SER C 184 -10.33 1.92 14.99
CA SER C 184 -10.71 2.93 15.95
C SER C 184 -11.07 2.02 17.13
N VAL C 185 -10.68 2.38 18.34
CA VAL C 185 -11.00 1.53 19.48
C VAL C 185 -11.88 2.27 20.49
N VAL C 186 -12.83 1.55 21.05
CA VAL C 186 -13.74 2.14 22.02
C VAL C 186 -13.93 1.22 23.20
N VAL C 187 -13.79 1.78 24.40
CA VAL C 187 -13.98 1.01 25.61
C VAL C 187 -15.36 1.35 26.16
N THR C 188 -16.06 0.32 26.57
CA THR C 188 -17.40 0.43 27.12
C THR C 188 -17.54 -0.40 28.38
N SER C 189 -18.50 -0.03 29.23
CA SER C 189 -18.74 -0.77 30.46
C SER C 189 -20.21 -0.95 30.76
N HIS C 190 -20.50 -2.01 31.49
CA HIS C 190 -21.85 -2.33 31.91
C HIS C 190 -21.80 -3.48 32.90
N GLN C 191 -22.67 -3.41 33.89
CA GLN C 191 -22.74 -4.43 34.93
C GLN C 191 -24.20 -4.74 35.23
N ALA C 192 -24.60 -5.98 34.98
CA ALA C 192 -25.97 -6.39 35.24
C ALA C 192 -26.12 -6.63 36.74
N PRO C 193 -27.35 -6.51 37.28
CA PRO C 193 -27.62 -6.72 38.71
C PRO C 193 -27.18 -8.08 39.25
N GLY C 194 -26.78 -8.09 40.52
CA GLY C 194 -26.34 -9.32 41.16
C GLY C 194 -25.20 -9.97 40.40
N GLU C 195 -24.79 -9.32 39.32
CA GLU C 195 -23.71 -9.83 38.47
C GLU C 195 -22.47 -8.95 38.59
N LYS C 196 -21.46 -9.24 37.77
CA LYS C 196 -20.22 -8.50 37.78
C LYS C 196 -20.23 -7.40 36.71
N LYS C 197 -19.26 -6.50 36.82
CA LYS C 197 -19.13 -5.40 35.88
C LYS C 197 -18.27 -5.90 34.71
N LYS C 198 -18.80 -5.78 33.50
CA LYS C 198 -18.07 -6.25 32.33
C LYS C 198 -17.59 -5.14 31.38
N LEU C 199 -16.27 -5.09 31.21
CA LEU C 199 -15.62 -4.12 30.34
C LEU C 199 -15.53 -4.69 28.94
N LYS C 200 -15.83 -3.86 27.95
CA LYS C 200 -15.80 -4.27 26.57
C LYS C 200 -14.93 -3.37 25.71
N CYS C 201 -14.07 -3.99 24.92
CA CYS C 201 -13.19 -3.23 24.05
C CYS C 201 -13.57 -3.53 22.61
N LEU C 202 -13.76 -2.50 21.82
CA LEU C 202 -14.14 -2.69 20.44
C LEU C 202 -13.21 -1.99 19.45
N ALA C 203 -12.64 -2.79 18.54
CA ALA C 203 -11.78 -2.25 17.49
C ALA C 203 -12.67 -2.29 16.26
N TYR C 204 -12.64 -1.24 15.42
CA TYR C 204 -13.50 -1.24 14.25
C TYR C 204 -13.02 -0.42 13.04
N ASP C 205 -13.74 -0.59 11.93
CA ASP C 205 -13.43 0.10 10.69
C ASP C 205 -12.03 -0.24 10.21
N PHE C 206 -11.51 -1.39 10.63
CA PHE C 206 -10.16 -1.75 10.21
C PHE C 206 -10.11 -2.84 9.13
N TYR C 207 -8.95 -2.99 8.53
CA TYR C 207 -8.74 -3.98 7.49
C TYR C 207 -7.24 -4.04 7.28
N PRO C 208 -6.66 -5.23 7.10
CA PRO C 208 -7.22 -6.60 7.08
C PRO C 208 -7.83 -7.02 8.41
N GLY C 209 -8.37 -8.24 8.42
CA GLY C 209 -8.99 -8.77 9.62
C GLY C 209 -8.07 -9.17 10.76
N LYS C 210 -6.86 -9.64 10.43
CA LYS C 210 -5.88 -10.05 11.43
C LYS C 210 -5.65 -8.93 12.43
N ILE C 211 -5.99 -9.18 13.70
CA ILE C 211 -5.82 -8.16 14.73
C ILE C 211 -5.66 -8.78 16.13
N ASP C 212 -5.05 -8.02 17.04
CA ASP C 212 -4.87 -8.49 18.41
C ASP C 212 -5.54 -7.49 19.35
N VAL C 213 -6.57 -7.95 20.02
CA VAL C 213 -7.30 -7.12 20.96
C VAL C 213 -7.36 -7.88 22.27
N HIS C 214 -6.80 -7.30 23.32
CA HIS C 214 -6.82 -7.94 24.63
C HIS C 214 -6.81 -6.92 25.75
N TRP C 215 -7.28 -7.34 26.92
CA TRP C 215 -7.31 -6.49 28.10
C TRP C 215 -6.11 -6.80 28.97
N THR C 216 -5.75 -5.83 29.81
CA THR C 216 -4.66 -6.03 30.74
C THR C 216 -5.13 -5.50 32.08
N ARG C 217 -4.74 -6.20 33.14
CA ARG C 217 -5.08 -5.77 34.51
C ARG C 217 -3.78 -5.43 35.20
N ALA C 218 -3.55 -4.13 35.34
CA ALA C 218 -2.33 -3.64 35.98
C ALA C 218 -1.10 -4.07 35.19
N GLY C 219 -1.29 -4.38 33.91
CA GLY C 219 -0.16 -4.77 33.09
C GLY C 219 -0.11 -6.24 32.72
N GLU C 220 -0.98 -7.05 33.31
CA GLU C 220 -0.99 -8.47 33.01
C GLU C 220 -2.16 -8.78 32.08
N VAL C 221 -1.87 -9.44 30.98
CA VAL C 221 -2.91 -9.79 30.02
C VAL C 221 -4.03 -10.59 30.68
N GLN C 222 -5.26 -10.19 30.42
CA GLN C 222 -6.43 -10.83 30.98
C GLN C 222 -7.16 -11.71 29.98
N GLU C 223 -7.46 -12.94 30.38
CA GLU C 223 -8.16 -13.85 29.50
C GLU C 223 -9.60 -13.35 29.39
N PRO C 224 -10.10 -13.18 28.16
CA PRO C 224 -11.46 -12.69 27.91
C PRO C 224 -12.58 -13.63 28.31
N GLU C 225 -13.69 -13.07 28.76
CA GLU C 225 -14.86 -13.84 29.16
C GLU C 225 -15.67 -14.06 27.89
N LEU C 226 -15.49 -13.16 26.94
CA LEU C 226 -16.19 -13.26 25.68
C LEU C 226 -15.46 -12.50 24.59
N ARG C 227 -15.35 -13.13 23.42
CA ARG C 227 -14.71 -12.57 22.24
C ARG C 227 -15.79 -12.42 21.18
N GLY C 228 -15.40 -11.87 20.04
CA GLY C 228 -16.35 -11.71 18.96
C GLY C 228 -15.81 -10.77 17.91
N ASP C 229 -16.09 -11.09 16.65
CA ASP C 229 -15.63 -10.27 15.55
C ASP C 229 -16.50 -10.47 14.31
N VAL C 230 -16.52 -9.44 13.45
CA VAL C 230 -17.36 -9.48 12.26
C VAL C 230 -16.72 -8.81 11.07
N LEU C 231 -17.14 -9.22 9.88
CA LEU C 231 -16.68 -8.61 8.64
C LEU C 231 -17.92 -8.03 7.99
N HIS C 232 -17.82 -6.77 7.57
CA HIS C 232 -18.92 -6.10 6.89
C HIS C 232 -18.45 -6.01 5.46
N ASN C 233 -18.87 -6.96 4.63
CA ASN C 233 -18.44 -7.03 3.24
C ASN C 233 -18.75 -5.77 2.45
N GLY C 234 -19.95 -5.24 2.65
CA GLY C 234 -20.39 -4.04 1.95
C GLY C 234 -19.57 -2.83 2.31
N ASN C 235 -19.03 -2.86 3.52
CA ASN C 235 -18.23 -1.79 4.05
C ASN C 235 -16.74 -2.02 3.79
N GLY C 236 -16.33 -3.29 3.79
CA GLY C 236 -14.94 -3.65 3.55
C GLY C 236 -14.16 -3.53 4.84
N THR C 237 -14.86 -3.63 5.94
CA THR C 237 -14.20 -3.47 7.23
C THR C 237 -14.54 -4.53 8.26
N TYR C 238 -13.66 -4.66 9.25
CA TYR C 238 -13.84 -5.60 10.33
C TYR C 238 -14.13 -4.91 11.66
N GLN C 239 -14.61 -5.70 12.60
CA GLN C 239 -14.90 -5.25 13.95
C GLN C 239 -14.61 -6.42 14.86
N SER C 240 -13.82 -6.18 15.90
CA SER C 240 -13.46 -7.23 16.85
C SER C 240 -13.59 -6.66 18.25
N TRP C 241 -14.22 -7.40 19.14
CA TRP C 241 -14.42 -6.93 20.50
C TRP C 241 -14.06 -7.99 21.51
N VAL C 242 -13.80 -7.55 22.74
CA VAL C 242 -13.44 -8.44 23.83
C VAL C 242 -14.03 -7.95 25.15
N VAL C 243 -14.53 -8.87 25.95
CA VAL C 243 -15.14 -8.54 27.22
C VAL C 243 -14.52 -9.25 28.40
N VAL C 244 -14.14 -8.48 29.41
CA VAL C 244 -13.57 -9.02 30.64
C VAL C 244 -14.57 -8.71 31.75
N ALA C 245 -14.71 -9.60 32.72
CA ALA C 245 -15.62 -9.35 33.83
C ALA C 245 -14.77 -8.88 34.98
N VAL C 246 -14.91 -7.61 35.33
CA VAL C 246 -14.15 -7.04 36.42
C VAL C 246 -15.11 -6.45 37.44
N PRO C 247 -15.53 -7.26 38.43
CA PRO C 247 -16.46 -6.78 39.46
C PRO C 247 -15.83 -6.11 40.69
N PRO C 248 -14.49 -6.19 40.84
CA PRO C 248 -13.89 -5.53 42.03
C PRO C 248 -13.63 -4.06 41.78
N GLN C 249 -13.84 -3.21 42.79
CA GLN C 249 -13.55 -1.80 42.60
C GLN C 249 -12.03 -1.69 42.57
N ASP C 250 -11.47 -2.30 41.54
CA ASP C 250 -10.04 -2.37 41.32
C ASP C 250 -9.21 -1.14 41.55
N THR C 251 -8.12 -1.35 42.29
CA THR C 251 -7.14 -0.30 42.56
C THR C 251 -6.21 -0.43 41.37
N ALA C 252 -6.42 -1.52 40.61
CA ALA C 252 -5.63 -1.81 39.41
C ALA C 252 -6.32 -1.25 38.17
N PRO C 253 -5.54 -0.62 37.28
CA PRO C 253 -6.13 -0.05 36.06
C PRO C 253 -6.42 -1.08 34.99
N TYR C 254 -7.44 -0.81 34.17
CA TYR C 254 -7.77 -1.70 33.09
C TYR C 254 -7.57 -1.01 31.76
N SER C 255 -6.71 -1.57 30.93
CA SER C 255 -6.46 -0.97 29.64
C SER C 255 -6.66 -1.96 28.52
N CYS C 256 -7.11 -1.46 27.38
CA CYS C 256 -7.31 -2.30 26.23
C CYS C 256 -6.13 -2.12 25.29
N HIS C 257 -5.60 -3.23 24.79
CA HIS C 257 -4.47 -3.17 23.89
C HIS C 257 -4.84 -3.72 22.51
N VAL C 258 -4.61 -2.91 21.48
CA VAL C 258 -4.92 -3.30 20.10
C VAL C 258 -3.69 -3.25 19.17
N GLN C 259 -3.35 -4.40 18.61
CA GLN C 259 -2.21 -4.51 17.70
C GLN C 259 -2.75 -4.81 16.30
N HIS C 260 -2.29 -4.08 15.29
CA HIS C 260 -2.76 -4.29 13.92
C HIS C 260 -1.70 -3.88 12.91
N SER C 261 -1.67 -4.59 11.79
CA SER C 261 -0.71 -4.33 10.72
C SER C 261 -0.65 -2.88 10.27
N SER C 262 -1.80 -2.20 10.30
CA SER C 262 -1.86 -0.80 9.88
C SER C 262 -1.29 0.15 10.94
N LEU C 263 -1.01 -0.40 12.12
CA LEU C 263 -0.47 0.41 13.22
C LEU C 263 1.01 0.16 13.48
N ALA C 264 1.77 1.25 13.51
CA ALA C 264 3.21 1.19 13.74
C ALA C 264 3.47 0.82 15.18
N GLN C 265 2.56 1.25 16.04
CA GLN C 265 2.69 1.04 17.48
C GLN C 265 1.37 0.56 18.04
N PRO C 266 1.40 -0.38 18.99
CA PRO C 266 0.14 -0.86 19.56
C PRO C 266 -0.62 0.32 20.14
N LEU C 267 -1.93 0.29 19.98
CA LEU C 267 -2.80 1.35 20.46
C LEU C 267 -3.35 0.96 21.82
N VAL C 268 -3.16 1.81 22.82
CA VAL C 268 -3.66 1.49 24.15
C VAL C 268 -4.69 2.48 24.68
N VAL C 269 -5.85 1.93 25.02
CA VAL C 269 -6.94 2.74 25.56
C VAL C 269 -7.22 2.27 26.97
N PRO C 270 -7.03 3.17 27.95
CA PRO C 270 -7.28 2.83 29.35
C PRO C 270 -8.75 3.06 29.61
N TRP C 271 -9.28 2.36 30.59
CA TRP C 271 -10.68 2.52 30.90
C TRP C 271 -10.85 3.23 32.23
N GLU C 272 -11.67 4.26 32.23
CA GLU C 272 -11.95 4.98 33.44
C GLU C 272 -13.46 4.95 33.65
N ALA C 273 -13.89 4.41 34.79
CA ALA C 273 -15.31 4.33 35.10
C ALA C 273 -15.91 5.71 34.89
N SER C 274 -17.02 5.77 34.17
CA SER C 274 -17.65 7.06 33.91
C SER C 274 -19.00 7.15 34.62
N GLY D 2 8.58 1.43 -4.65
CA GLY D 2 8.69 2.85 -4.24
C GLY D 2 9.96 3.14 -3.44
N ARG D 3 10.53 4.31 -3.71
CA ARG D 3 11.75 4.77 -3.03
C ARG D 3 11.41 5.75 -1.91
N TYR D 4 12.18 5.66 -0.83
CA TYR D 4 12.00 6.51 0.35
C TYR D 4 13.27 7.26 0.69
N SER D 5 13.13 8.40 1.36
CA SER D 5 14.29 9.16 1.74
C SER D 5 14.11 9.96 3.02
N LEU D 6 15.19 10.06 3.78
CA LEU D 6 15.22 10.81 5.02
C LEU D 6 16.20 11.94 4.76
N THR D 7 15.76 13.18 4.95
CA THR D 7 16.63 14.32 4.69
C THR D 7 16.62 15.38 5.77
N TYR D 8 17.81 15.92 6.06
CA TYR D 8 17.93 16.97 7.06
C TYR D 8 18.65 18.18 6.47
N ILE D 9 18.21 19.37 6.86
CA ILE D 9 18.83 20.60 6.39
C ILE D 9 19.05 21.56 7.53
N TYR D 10 20.33 21.85 7.78
CA TYR D 10 20.71 22.76 8.85
C TYR D 10 21.19 24.05 8.22
N THR D 11 20.76 25.17 8.78
CA THR D 11 21.14 26.46 8.25
C THR D 11 21.55 27.40 9.39
N GLY D 12 22.80 27.89 9.34
CA GLY D 12 23.30 28.78 10.38
C GLY D 12 23.76 30.13 9.86
N LEU D 13 23.50 31.19 10.62
CA LEU D 13 23.87 32.55 10.24
C LEU D 13 24.83 33.15 11.26
N SER D 14 25.96 33.66 10.78
CA SER D 14 26.94 34.27 11.68
C SER D 14 26.34 35.54 12.29
N LYS D 15 25.54 36.26 11.51
CA LYS D 15 24.89 37.49 11.98
C LYS D 15 23.45 37.43 11.52
N HIS D 16 22.52 37.49 12.47
CA HIS D 16 21.13 37.41 12.10
C HIS D 16 20.31 38.51 12.72
N VAL D 17 19.28 38.90 11.98
CA VAL D 17 18.35 39.94 12.36
C VAL D 17 17.42 39.45 13.47
N GLU D 18 16.66 40.38 14.02
CA GLU D 18 15.73 40.02 15.05
C GLU D 18 14.66 39.26 14.29
N ASP D 19 14.05 38.28 14.96
CA ASP D 19 12.97 37.51 14.37
C ASP D 19 13.46 36.51 13.34
N VAL D 20 14.76 36.25 13.36
CA VAL D 20 15.36 35.27 12.47
C VAL D 20 16.36 34.46 13.28
N PRO D 21 15.96 33.27 13.73
CA PRO D 21 16.84 32.42 14.52
C PRO D 21 18.17 32.12 13.80
N ALA D 22 19.26 32.15 14.56
CA ALA D 22 20.58 31.88 14.03
C ALA D 22 20.68 30.49 13.42
N PHE D 23 20.11 29.50 14.09
CA PHE D 23 20.16 28.12 13.61
C PHE D 23 18.76 27.59 13.29
N GLN D 24 18.65 26.86 12.20
CA GLN D 24 17.39 26.31 11.78
C GLN D 24 17.60 24.92 11.21
N ALA D 25 16.80 23.97 11.68
CA ALA D 25 16.90 22.59 11.23
C ALA D 25 15.56 22.11 10.73
N LEU D 26 15.58 21.26 9.72
CA LEU D 26 14.33 20.72 9.20
C LEU D 26 14.56 19.38 8.54
N GLY D 27 13.62 18.47 8.75
CA GLY D 27 13.75 17.16 8.18
C GLY D 27 12.58 16.81 7.31
N SER D 28 12.83 15.96 6.32
CA SER D 28 11.81 15.55 5.40
C SER D 28 11.88 14.08 5.12
N LEU D 29 10.72 13.53 4.83
CA LEU D 29 10.56 12.15 4.44
C LEU D 29 9.99 12.32 3.04
N ASN D 30 10.73 11.87 2.04
CA ASN D 30 10.31 12.05 0.66
C ASN D 30 10.08 13.53 0.45
N ASP D 31 8.92 13.88 -0.12
CA ASP D 31 8.60 15.27 -0.40
C ASP D 31 8.01 16.07 0.77
N LEU D 32 7.72 15.40 1.88
CA LEU D 32 7.12 16.10 3.01
C LEU D 32 8.03 16.39 4.18
N GLN D 33 7.78 17.53 4.80
CA GLN D 33 8.56 17.97 5.95
C GLN D 33 7.86 17.43 7.18
N PHE D 34 8.56 16.62 7.97
CA PHE D 34 7.97 16.04 9.15
C PHE D 34 8.33 16.71 10.47
N PHE D 35 9.32 17.59 10.45
CA PHE D 35 9.70 18.27 11.69
C PHE D 35 10.62 19.46 11.47
N ARG D 36 10.72 20.31 12.49
CA ARG D 36 11.58 21.48 12.43
C ARG D 36 12.17 21.74 13.80
N TYR D 37 13.01 22.76 13.88
CA TYR D 37 13.67 23.12 15.13
C TYR D 37 14.49 24.37 14.87
N ASN D 38 14.45 25.32 15.80
CA ASN D 38 15.23 26.52 15.63
C ASN D 38 15.91 26.94 16.93
N SER D 39 16.99 27.69 16.80
CA SER D 39 17.80 28.14 17.94
C SER D 39 17.05 28.98 18.96
N LYS D 40 15.90 29.51 18.58
CA LYS D 40 15.11 30.33 19.49
C LYS D 40 14.27 29.49 20.46
N ASP D 41 13.38 28.66 19.91
CA ASP D 41 12.53 27.82 20.74
C ASP D 41 13.27 26.59 21.22
N ARG D 42 14.38 26.26 20.57
CA ARG D 42 15.17 25.10 20.94
C ARG D 42 14.27 23.87 21.09
N LYS D 43 13.23 23.79 20.27
CA LYS D 43 12.29 22.67 20.36
C LYS D 43 12.09 21.94 19.05
N SER D 44 12.17 20.61 19.09
CA SER D 44 11.94 19.78 17.91
C SER D 44 10.44 19.54 17.83
N GLN D 45 9.81 20.14 16.83
CA GLN D 45 8.37 19.99 16.68
C GLN D 45 7.99 19.30 15.39
N PRO D 46 7.06 18.35 15.46
CA PRO D 46 6.61 17.60 14.28
C PRO D 46 5.80 18.53 13.41
N MET D 47 5.59 18.15 12.15
CA MET D 47 4.85 19.01 11.24
C MET D 47 3.94 18.27 10.28
N GLY D 48 3.12 19.05 9.58
CA GLY D 48 2.20 18.48 8.62
C GLY D 48 1.39 17.35 9.21
N LEU D 49 1.34 16.24 8.46
CA LEU D 49 0.58 15.07 8.91
C LEU D 49 1.17 14.37 10.13
N TRP D 50 2.44 14.60 10.40
CA TRP D 50 3.10 13.97 11.53
C TRP D 50 2.75 14.63 12.84
N ARG D 51 2.13 15.80 12.77
CA ARG D 51 1.77 16.50 13.99
C ARG D 51 0.90 15.57 14.82
N GLN D 52 0.06 14.79 14.15
CA GLN D 52 -0.82 13.88 14.85
C GLN D 52 -0.36 12.44 14.93
N VAL D 53 0.92 12.20 14.65
CA VAL D 53 1.46 10.84 14.72
C VAL D 53 2.20 10.78 16.06
N GLU D 54 1.87 9.78 16.87
CA GLU D 54 2.48 9.61 18.18
C GLU D 54 3.36 8.38 18.23
N GLY D 55 4.41 8.45 19.06
CA GLY D 55 5.30 7.33 19.23
C GLY D 55 6.39 7.21 18.19
N MET D 56 6.30 7.98 17.10
CA MET D 56 7.31 7.90 16.06
C MET D 56 8.65 8.38 16.58
N GLU D 57 8.64 9.51 17.29
CA GLU D 57 9.86 10.07 17.84
C GLU D 57 9.63 10.81 19.16
N ASP D 58 10.64 10.75 20.02
CA ASP D 58 10.63 11.40 21.32
C ASP D 58 11.10 12.81 21.04
N TRP D 59 10.15 13.72 20.86
CA TRP D 59 10.48 15.11 20.55
C TRP D 59 11.26 15.83 21.65
N LYS D 60 11.09 15.38 22.88
CA LYS D 60 11.79 15.98 24.00
C LYS D 60 13.27 15.62 23.88
N GLN D 61 13.53 14.33 23.74
CA GLN D 61 14.89 13.82 23.61
C GLN D 61 15.59 14.29 22.34
N ASP D 62 14.83 14.45 21.26
CA ASP D 62 15.41 14.91 20.00
C ASP D 62 15.83 16.36 20.18
N SER D 63 14.99 17.15 20.85
CA SER D 63 15.31 18.56 21.08
C SER D 63 16.71 18.68 21.67
N GLN D 64 17.08 17.68 22.47
CA GLN D 64 18.40 17.68 23.08
C GLN D 64 19.43 17.47 21.99
N LEU D 65 19.18 16.43 21.18
CA LEU D 65 20.06 16.07 20.07
C LEU D 65 20.35 17.25 19.17
N GLN D 66 19.31 18.01 18.86
CA GLN D 66 19.47 19.16 18.01
C GLN D 66 20.32 20.22 18.68
N LYS D 67 20.05 20.50 19.96
CA LYS D 67 20.81 21.52 20.66
C LYS D 67 22.29 21.17 20.60
N ALA D 68 22.58 19.88 20.64
CA ALA D 68 23.97 19.44 20.56
C ALA D 68 24.50 19.86 19.18
N ARG D 69 23.88 19.30 18.14
CA ARG D 69 24.22 19.58 16.74
C ARG D 69 24.39 21.07 16.50
N GLU D 70 23.45 21.83 17.03
CA GLU D 70 23.47 23.27 16.89
C GLU D 70 24.80 23.84 17.33
N ASP D 71 25.15 23.60 18.59
CA ASP D 71 26.40 24.10 19.14
C ASP D 71 27.58 23.79 18.24
N ILE D 72 27.61 22.56 17.75
CA ILE D 72 28.68 22.10 16.86
C ILE D 72 28.65 22.79 15.51
N PHE D 73 27.50 22.73 14.85
CA PHE D 73 27.33 23.34 13.53
C PHE D 73 27.73 24.80 13.58
N MET D 74 27.16 25.55 14.51
CA MET D 74 27.45 26.97 14.64
C MET D 74 28.92 27.27 14.91
N GLU D 75 29.56 26.41 15.68
CA GLU D 75 30.97 26.59 16.00
C GLU D 75 31.78 26.47 14.72
N THR D 76 31.42 25.51 13.88
CA THR D 76 32.12 25.31 12.62
C THR D 76 32.00 26.58 11.79
N LEU D 77 30.78 27.11 11.73
CA LEU D 77 30.54 28.32 11.00
C LEU D 77 31.46 29.38 11.54
N LYS D 78 31.56 29.46 12.87
CA LYS D 78 32.42 30.45 13.52
C LYS D 78 33.86 30.32 13.04
N ASP D 79 34.40 29.10 13.08
CA ASP D 79 35.76 28.87 12.63
C ASP D 79 35.94 29.38 11.20
N ILE D 80 35.12 28.87 10.28
CA ILE D 80 35.22 29.28 8.88
C ILE D 80 35.29 30.79 8.76
N VAL D 81 34.36 31.46 9.43
CA VAL D 81 34.34 32.92 9.38
C VAL D 81 35.68 33.46 9.89
N GLU D 82 36.28 32.73 10.84
CA GLU D 82 37.56 33.11 11.45
C GLU D 82 38.73 32.88 10.51
N TYR D 83 38.75 31.72 9.85
CA TYR D 83 39.82 31.38 8.92
C TYR D 83 40.04 32.52 7.93
N TYR D 84 38.96 33.22 7.61
CA TYR D 84 39.02 34.33 6.66
C TYR D 84 39.11 35.70 7.34
N ASN D 85 39.01 35.72 8.66
CA ASN D 85 39.08 36.93 9.47
C ASN D 85 37.94 37.92 9.20
N ASP D 86 37.08 37.60 8.24
CA ASP D 86 35.94 38.46 7.90
C ASP D 86 34.72 38.11 8.75
N SER D 87 34.79 38.43 10.04
CA SER D 87 33.72 38.14 10.98
C SER D 87 32.75 39.31 11.18
N ASN D 88 33.03 40.43 10.52
CA ASN D 88 32.18 41.60 10.63
C ASN D 88 30.94 41.47 9.76
N GLY D 89 30.95 40.52 8.83
CA GLY D 89 29.81 40.35 7.96
C GLY D 89 28.96 39.16 8.34
N SER D 90 27.79 39.07 7.72
CA SER D 90 26.89 37.96 7.97
C SER D 90 27.28 36.86 6.99
N HIS D 91 27.30 35.63 7.47
CA HIS D 91 27.68 34.52 6.62
C HIS D 91 26.75 33.35 6.85
N VAL D 92 26.74 32.43 5.92
CA VAL D 92 25.86 31.29 6.04
C VAL D 92 26.53 29.96 5.83
N LEU D 93 26.12 29.01 6.64
CA LEU D 93 26.62 27.66 6.53
C LEU D 93 25.38 26.79 6.45
N GLN D 94 25.34 25.94 5.44
CA GLN D 94 24.20 25.08 5.28
C GLN D 94 24.65 23.64 5.14
N GLY D 95 24.05 22.78 5.95
CA GLY D 95 24.37 21.38 5.92
C GLY D 95 23.18 20.56 5.47
N ARG D 96 23.45 19.55 4.64
CA ARG D 96 22.41 18.67 4.14
C ARG D 96 22.93 17.26 4.19
N PHE D 97 22.18 16.39 4.85
CA PHE D 97 22.59 15.00 4.96
C PHE D 97 21.39 14.09 5.09
N GLY D 98 21.54 12.84 4.68
CA GLY D 98 20.44 11.91 4.75
C GLY D 98 20.75 10.62 4.01
N CYS D 99 19.74 9.77 3.92
CA CYS D 99 19.87 8.49 3.28
C CYS D 99 18.56 8.12 2.62
N GLU D 100 18.58 7.06 1.85
CA GLU D 100 17.39 6.62 1.19
C GLU D 100 17.48 5.15 0.88
N ILE D 101 16.32 4.52 0.72
CA ILE D 101 16.26 3.11 0.41
C ILE D 101 15.23 2.87 -0.69
N GLU D 102 15.49 1.86 -1.51
CA GLU D 102 14.61 1.52 -2.61
C GLU D 102 14.47 0.00 -2.58
N ASN D 103 13.31 -0.46 -2.12
CA ASN D 103 13.03 -1.89 -2.01
C ASN D 103 13.74 -2.39 -0.75
N ASN D 104 13.62 -1.61 0.32
CA ASN D 104 14.24 -1.95 1.60
C ASN D 104 15.77 -1.96 1.50
N ARG D 105 16.31 -1.73 0.31
CA ARG D 105 17.76 -1.69 0.11
C ARG D 105 18.27 -0.25 0.02
N SER D 106 19.21 0.10 0.91
CA SER D 106 19.79 1.44 0.93
C SER D 106 20.11 1.88 -0.49
N SER D 107 19.47 2.96 -0.93
CA SER D 107 19.65 3.48 -2.29
C SER D 107 20.66 4.61 -2.39
N GLY D 108 21.24 4.99 -1.25
CA GLY D 108 22.23 6.06 -1.25
C GLY D 108 22.18 6.86 0.03
N ALA D 109 23.14 7.76 0.17
CA ALA D 109 23.26 8.62 1.33
C ALA D 109 24.14 9.80 0.94
N PHE D 110 24.07 10.88 1.72
CA PHE D 110 24.83 12.09 1.42
C PHE D 110 25.11 12.92 2.66
N TRP D 111 26.15 13.74 2.60
CA TRP D 111 26.51 14.62 3.69
C TRP D 111 27.36 15.72 3.06
N LYS D 112 26.82 16.93 3.01
CA LYS D 112 27.53 18.02 2.38
C LYS D 112 27.23 19.35 3.07
N TYR D 113 28.17 20.29 2.97
CA TYR D 113 28.01 21.61 3.57
C TYR D 113 28.28 22.71 2.55
N TYR D 114 27.57 23.82 2.72
CA TYR D 114 27.72 24.96 1.82
C TYR D 114 27.99 26.23 2.58
N TYR D 115 29.15 26.81 2.35
CA TYR D 115 29.50 28.05 3.01
C TYR D 115 29.14 29.15 2.04
N ASP D 116 28.27 30.06 2.48
CA ASP D 116 27.82 31.15 1.64
C ASP D 116 27.45 30.69 0.24
N GLY D 117 26.58 29.68 0.17
CA GLY D 117 26.14 29.18 -1.12
C GLY D 117 27.16 28.32 -1.86
N LYS D 118 28.43 28.52 -1.58
CA LYS D 118 29.49 27.75 -2.24
C LYS D 118 29.67 26.39 -1.59
N ASP D 119 30.15 25.43 -2.37
CA ASP D 119 30.41 24.09 -1.86
C ASP D 119 31.57 24.24 -0.89
N TYR D 120 31.43 23.70 0.32
CA TYR D 120 32.49 23.82 1.28
C TYR D 120 33.18 22.48 1.42
N ILE D 121 32.49 21.54 2.05
CA ILE D 121 33.05 20.21 2.25
C ILE D 121 31.97 19.17 2.11
N GLU D 122 32.36 17.97 1.71
CA GLU D 122 31.41 16.90 1.49
C GLU D 122 32.03 15.57 1.90
N PHE D 123 31.21 14.69 2.47
CA PHE D 123 31.73 13.42 2.92
C PHE D 123 31.53 12.29 1.91
N ASN D 124 32.61 11.57 1.66
CA ASN D 124 32.57 10.43 0.75
C ASN D 124 32.67 9.17 1.59
N LYS D 125 31.51 8.55 1.73
CA LYS D 125 31.27 7.34 2.49
C LYS D 125 32.08 6.14 2.03
N GLU D 126 32.37 6.06 0.72
CA GLU D 126 33.09 4.90 0.21
C GLU D 126 34.58 4.74 0.51
N ILE D 127 35.24 5.70 1.16
CA ILE D 127 36.66 5.48 1.41
C ILE D 127 37.07 5.15 2.83
N PRO D 128 36.55 5.86 3.83
CA PRO D 128 35.62 6.98 3.86
C PRO D 128 36.41 8.21 4.32
N ALA D 129 36.02 9.39 3.83
CA ALA D 129 36.68 10.63 4.21
C ALA D 129 35.87 11.83 3.73
N TRP D 130 36.39 13.02 4.03
CA TRP D 130 35.75 14.24 3.61
C TRP D 130 36.48 14.83 2.42
N VAL D 131 35.72 15.50 1.57
CA VAL D 131 36.28 16.12 0.38
C VAL D 131 36.16 17.63 0.51
N PRO D 132 37.30 18.34 0.45
CA PRO D 132 37.25 19.80 0.56
C PRO D 132 37.01 20.43 -0.82
N PHE D 133 36.44 21.63 -0.82
CA PHE D 133 36.15 22.34 -2.05
C PHE D 133 36.64 23.75 -1.89
N ASP D 134 36.55 24.22 -0.66
CA ASP D 134 36.96 25.56 -0.32
C ASP D 134 38.27 25.44 0.44
N PRO D 135 39.18 26.41 0.24
CA PRO D 135 40.46 26.36 0.95
C PRO D 135 40.33 26.06 2.44
N ALA D 136 39.46 26.80 3.12
CA ALA D 136 39.26 26.59 4.55
C ALA D 136 38.77 25.17 4.84
N ALA D 137 38.04 24.58 3.91
CA ALA D 137 37.54 23.22 4.10
C ALA D 137 38.71 22.28 4.37
N GLN D 138 39.90 22.68 3.94
CA GLN D 138 41.09 21.87 4.16
C GLN D 138 41.39 21.78 5.65
N ILE D 139 41.28 22.91 6.34
CA ILE D 139 41.51 22.97 7.78
C ILE D 139 40.43 22.15 8.47
N THR D 140 39.21 22.37 8.04
CA THR D 140 38.08 21.66 8.62
C THR D 140 38.24 20.18 8.36
N LYS D 141 38.66 19.83 7.16
CA LYS D 141 38.88 18.43 6.80
C LYS D 141 39.86 17.85 7.80
N GLN D 142 40.91 18.62 8.08
CA GLN D 142 41.95 18.21 9.00
C GLN D 142 41.38 17.85 10.36
N LYS D 143 40.73 18.81 11.01
CA LYS D 143 40.12 18.61 12.33
C LYS D 143 39.21 17.37 12.36
N TRP D 144 38.25 17.34 11.44
CA TRP D 144 37.28 16.26 11.35
C TRP D 144 37.85 14.87 11.13
N GLU D 145 39.14 14.77 10.81
CA GLU D 145 39.74 13.46 10.61
C GLU D 145 40.96 13.24 11.53
N ALA D 146 40.98 13.87 12.69
CA ALA D 146 42.11 13.69 13.60
C ALA D 146 42.26 12.20 13.95
N GLU D 147 41.17 11.61 14.43
CA GLU D 147 41.16 10.19 14.78
C GLU D 147 40.53 9.39 13.67
N PRO D 148 41.04 8.19 13.44
CA PRO D 148 40.56 7.27 12.40
C PRO D 148 39.13 6.87 12.70
N VAL D 149 38.75 7.10 13.96
CA VAL D 149 37.42 6.81 14.48
C VAL D 149 36.40 7.73 13.79
N TYR D 150 36.70 9.02 13.79
CA TYR D 150 35.79 10.00 13.19
C TYR D 150 35.19 9.56 11.87
N VAL D 151 36.05 9.34 10.86
CA VAL D 151 35.57 8.93 9.56
C VAL D 151 34.72 7.66 9.65
N GLN D 152 35.10 6.78 10.57
CA GLN D 152 34.40 5.53 10.77
C GLN D 152 32.98 5.80 11.24
N ARG D 153 32.87 6.68 12.24
CA ARG D 153 31.59 7.05 12.79
C ARG D 153 30.69 7.61 11.70
N ALA D 154 31.22 8.59 10.97
CA ALA D 154 30.49 9.22 9.89
C ALA D 154 29.90 8.18 8.94
N LYS D 155 30.76 7.27 8.48
CA LYS D 155 30.32 6.21 7.56
C LYS D 155 29.16 5.44 8.19
N ALA D 156 29.32 5.14 9.47
CA ALA D 156 28.34 4.39 10.24
C ALA D 156 26.99 5.08 10.21
N TYR D 157 26.99 6.36 10.54
CA TYR D 157 25.75 7.13 10.56
C TYR D 157 24.96 6.96 9.26
N LEU D 158 25.60 7.26 8.14
CA LEU D 158 24.93 7.16 6.86
C LEU D 158 24.51 5.75 6.48
N GLU D 159 25.41 4.79 6.66
CA GLU D 159 25.11 3.42 6.28
C GLU D 159 24.33 2.61 7.30
N GLU D 160 24.40 3.01 8.56
CA GLU D 160 23.71 2.29 9.60
C GLU D 160 22.60 3.03 10.29
N GLU D 161 22.96 4.05 11.06
CA GLU D 161 22.00 4.84 11.82
C GLU D 161 20.90 5.46 11.01
N CYS D 162 21.27 6.31 10.07
CA CYS D 162 20.29 6.99 9.25
C CYS D 162 19.23 6.01 8.73
N PRO D 163 19.65 5.00 7.95
CA PRO D 163 18.67 4.04 7.42
C PRO D 163 17.82 3.38 8.50
N ALA D 164 18.42 3.08 9.65
CA ALA D 164 17.67 2.48 10.75
C ALA D 164 16.51 3.39 11.16
N THR D 165 16.83 4.67 11.34
CA THR D 165 15.85 5.68 11.72
C THR D 165 14.78 5.81 10.65
N LEU D 166 15.20 5.73 9.38
CA LEU D 166 14.27 5.80 8.27
C LEU D 166 13.29 4.63 8.41
N ARG D 167 13.83 3.44 8.66
CA ARG D 167 13.03 2.24 8.82
C ARG D 167 11.91 2.47 9.84
N LYS D 168 12.26 2.95 11.03
CA LYS D 168 11.26 3.16 12.07
C LYS D 168 10.22 4.21 11.69
N TYR D 169 10.64 5.31 11.10
CA TYR D 169 9.68 6.35 10.72
C TYR D 169 8.72 5.79 9.70
N LEU D 170 9.21 4.88 8.86
CA LEU D 170 8.35 4.28 7.86
C LEU D 170 7.20 3.54 8.50
N LYS D 171 7.51 2.85 9.60
CA LYS D 171 6.48 2.13 10.31
C LYS D 171 5.33 3.07 10.68
N TYR D 172 5.68 4.32 11.01
CA TYR D 172 4.67 5.29 11.39
C TYR D 172 4.18 6.13 10.23
N SER D 173 4.89 6.11 9.11
CA SER D 173 4.47 6.91 7.98
C SER D 173 3.96 6.10 6.79
N LYS D 174 3.80 4.80 7.00
CA LYS D 174 3.29 3.95 5.93
C LYS D 174 1.99 4.51 5.35
N ASN D 175 1.11 4.94 6.24
CA ASN D 175 -0.20 5.49 5.89
C ASN D 175 -0.19 6.94 5.41
N ILE D 176 0.98 7.56 5.42
CA ILE D 176 1.12 8.94 4.98
C ILE D 176 1.85 8.97 3.65
N LEU D 177 3.03 8.36 3.64
CA LEU D 177 3.90 8.30 2.47
C LEU D 177 3.51 7.31 1.39
N ASP D 178 2.65 6.37 1.74
CA ASP D 178 2.25 5.38 0.75
C ASP D 178 0.82 5.60 0.33
N ARG D 179 0.09 6.41 1.09
CA ARG D 179 -1.31 6.66 0.75
C ARG D 179 -1.47 7.13 -0.69
N GLN D 180 -2.56 6.73 -1.31
CA GLN D 180 -2.85 7.13 -2.67
C GLN D 180 -4.23 7.76 -2.71
N ASP D 181 -4.28 9.00 -2.24
CA ASP D 181 -5.53 9.75 -2.19
C ASP D 181 -5.90 10.20 -3.58
N PRO D 182 -7.09 9.80 -4.06
CA PRO D 182 -7.53 10.21 -5.40
C PRO D 182 -8.01 11.67 -5.35
N PRO D 183 -7.82 12.41 -6.45
CA PRO D 183 -8.18 13.82 -6.62
C PRO D 183 -9.63 14.16 -6.91
N SER D 184 -10.23 14.97 -6.06
CA SER D 184 -11.60 15.39 -6.26
C SER D 184 -11.42 16.48 -7.30
N VAL D 185 -12.27 16.51 -8.32
CA VAL D 185 -12.12 17.53 -9.35
C VAL D 185 -13.34 18.42 -9.45
N VAL D 186 -13.10 19.71 -9.63
CA VAL D 186 -14.18 20.67 -9.73
C VAL D 186 -13.95 21.63 -10.87
N VAL D 187 -14.98 21.81 -11.67
CA VAL D 187 -14.91 22.74 -12.78
C VAL D 187 -15.63 24.02 -12.39
N THR D 188 -14.99 25.15 -12.72
CA THR D 188 -15.50 26.46 -12.40
C THR D 188 -15.43 27.34 -13.62
N SER D 189 -16.37 28.26 -13.72
CA SER D 189 -16.45 29.19 -14.84
C SER D 189 -16.74 30.56 -14.27
N HIS D 190 -16.17 31.58 -14.90
CA HIS D 190 -16.38 32.94 -14.43
C HIS D 190 -15.83 33.96 -15.41
N GLN D 191 -16.62 35.02 -15.59
CA GLN D 191 -16.28 36.10 -16.49
C GLN D 191 -16.27 37.38 -15.68
N ALA D 192 -15.07 37.89 -15.39
CA ALA D 192 -14.95 39.12 -14.63
C ALA D 192 -15.25 40.32 -15.52
N PRO D 193 -15.58 41.47 -14.92
CA PRO D 193 -15.90 42.68 -15.68
C PRO D 193 -14.80 43.09 -16.68
N GLY D 194 -15.20 43.18 -17.96
CA GLY D 194 -14.24 43.57 -18.99
C GLY D 194 -13.36 42.42 -19.42
N GLU D 195 -13.50 41.28 -18.75
CA GLU D 195 -12.69 40.10 -19.06
C GLU D 195 -13.49 38.99 -19.74
N LYS D 196 -12.77 38.10 -20.43
CA LYS D 196 -13.38 36.97 -21.11
C LYS D 196 -13.78 35.93 -20.08
N LYS D 197 -14.65 34.99 -20.46
CA LYS D 197 -15.04 33.96 -19.52
C LYS D 197 -13.88 32.98 -19.51
N LYS D 198 -13.57 32.42 -18.35
CA LYS D 198 -12.48 31.46 -18.26
C LYS D 198 -12.95 30.19 -17.58
N LEU D 199 -12.48 29.05 -18.07
CA LEU D 199 -12.84 27.78 -17.44
C LEU D 199 -11.67 27.32 -16.60
N LYS D 200 -11.97 26.91 -15.37
CA LYS D 200 -10.95 26.46 -14.45
C LYS D 200 -11.24 25.07 -13.91
N CYS D 201 -10.24 24.20 -13.97
CA CYS D 201 -10.39 22.85 -13.46
C CYS D 201 -9.48 22.69 -12.27
N LEU D 202 -10.02 22.14 -11.19
CA LEU D 202 -9.23 21.97 -9.98
C LEU D 202 -9.26 20.57 -9.45
N ALA D 203 -8.07 19.99 -9.30
CA ALA D 203 -7.95 18.65 -8.73
C ALA D 203 -7.44 18.92 -7.32
N TYR D 204 -7.95 18.19 -6.32
CA TYR D 204 -7.48 18.44 -4.97
C TYR D 204 -7.58 17.28 -4.00
N ASP D 205 -7.00 17.48 -2.81
CA ASP D 205 -6.98 16.49 -1.75
C ASP D 205 -6.29 15.22 -2.23
N PHE D 206 -5.42 15.33 -3.22
CA PHE D 206 -4.73 14.14 -3.70
C PHE D 206 -3.27 14.03 -3.28
N TYR D 207 -2.73 12.84 -3.46
CA TYR D 207 -1.35 12.54 -3.11
C TYR D 207 -1.04 11.19 -3.75
N PRO D 208 0.15 11.04 -4.35
CA PRO D 208 1.29 11.95 -4.54
C PRO D 208 0.98 13.16 -5.42
N GLY D 209 1.97 14.04 -5.57
CA GLY D 209 1.78 15.24 -6.36
C GLY D 209 1.70 15.04 -7.86
N LYS D 210 2.40 14.04 -8.38
CA LYS D 210 2.41 13.77 -9.83
C LYS D 210 0.97 13.61 -10.34
N ILE D 211 0.55 14.50 -11.24
CA ILE D 211 -0.81 14.45 -11.77
C ILE D 211 -0.92 15.09 -13.15
N ASP D 212 -1.93 14.68 -13.91
CA ASP D 212 -2.18 15.24 -15.22
C ASP D 212 -3.57 15.85 -15.27
N VAL D 213 -3.60 17.17 -15.41
CA VAL D 213 -4.86 17.88 -15.49
C VAL D 213 -4.81 18.74 -16.76
N HIS D 214 -5.74 18.51 -17.67
CA HIS D 214 -5.79 19.28 -18.90
C HIS D 214 -7.22 19.38 -19.41
N TRP D 215 -7.45 20.39 -20.24
CA TRP D 215 -8.76 20.62 -20.82
C TRP D 215 -8.78 20.08 -22.25
N THR D 216 -9.97 19.78 -22.73
CA THR D 216 -10.13 19.30 -24.09
C THR D 216 -11.28 20.08 -24.70
N ARG D 217 -11.14 20.41 -25.98
CA ARG D 217 -12.19 21.12 -26.70
C ARG D 217 -12.67 20.17 -27.77
N ALA D 218 -13.86 19.61 -27.55
CA ALA D 218 -14.45 18.67 -28.49
C ALA D 218 -13.58 17.43 -28.67
N GLY D 219 -12.70 17.18 -27.70
CA GLY D 219 -11.84 16.01 -27.78
C GLY D 219 -10.38 16.31 -28.05
N GLU D 220 -10.05 17.57 -28.37
CA GLU D 220 -8.66 17.92 -28.62
C GLU D 220 -8.09 18.64 -27.40
N VAL D 221 -6.93 18.18 -26.93
CA VAL D 221 -6.31 18.78 -25.77
C VAL D 221 -6.05 20.26 -25.99
N GLN D 222 -6.42 21.04 -24.99
CA GLN D 222 -6.25 22.49 -25.05
C GLN D 222 -5.10 22.99 -24.20
N GLU D 223 -4.23 23.80 -24.81
CA GLU D 223 -3.10 24.38 -24.11
C GLU D 223 -3.65 25.39 -23.08
N PRO D 224 -3.29 25.23 -21.80
CA PRO D 224 -3.76 26.12 -20.74
C PRO D 224 -3.26 27.55 -20.81
N GLU D 225 -4.10 28.48 -20.38
CA GLU D 225 -3.75 29.89 -20.36
C GLU D 225 -3.04 30.14 -19.05
N LEU D 226 -3.36 29.32 -18.06
CA LEU D 226 -2.76 29.42 -16.76
C LEU D 226 -2.82 28.10 -16.00
N ARG D 227 -1.68 27.74 -15.40
CA ARG D 227 -1.54 26.51 -14.61
C ARG D 227 -1.27 26.95 -13.18
N GLY D 228 -1.22 25.99 -12.28
CA GLY D 228 -0.96 26.31 -10.88
C GLY D 228 -1.19 25.09 -10.01
N ASP D 229 -0.35 24.94 -8.99
CA ASP D 229 -0.50 23.81 -8.08
C ASP D 229 0.17 24.10 -6.74
N VAL D 230 -0.32 23.42 -5.71
CA VAL D 230 0.17 23.64 -4.36
C VAL D 230 0.23 22.39 -3.53
N LEU D 231 1.11 22.41 -2.53
CA LEU D 231 1.23 21.31 -1.59
C LEU D 231 0.89 21.90 -0.23
N HIS D 232 0.00 21.23 0.49
CA HIS D 232 -0.38 21.65 1.84
C HIS D 232 0.29 20.63 2.72
N ASN D 233 1.46 20.97 3.23
CA ASN D 233 2.24 20.07 4.07
C ASN D 233 1.47 19.61 5.28
N GLY D 234 0.79 20.56 5.91
CA GLY D 234 0.01 20.27 7.09
C GLY D 234 -1.07 19.27 6.76
N ASN D 235 -1.60 19.39 5.55
CA ASN D 235 -2.66 18.52 5.09
C ASN D 235 -2.11 17.23 4.48
N GLY D 236 -0.94 17.32 3.87
CA GLY D 236 -0.32 16.17 3.24
C GLY D 236 -0.94 15.96 1.87
N THR D 237 -1.61 16.98 1.37
CA THR D 237 -2.28 16.88 0.08
C THR D 237 -1.89 17.96 -0.92
N TYR D 238 -2.15 17.66 -2.19
CA TYR D 238 -1.86 18.57 -3.28
C TYR D 238 -3.13 19.13 -3.92
N GLN D 239 -2.93 20.18 -4.71
CA GLN D 239 -4.01 20.84 -5.44
C GLN D 239 -3.38 21.35 -6.73
N SER D 240 -4.01 21.02 -7.85
CA SER D 240 -3.51 21.45 -9.15
C SER D 240 -4.70 21.94 -9.95
N TRP D 241 -4.53 23.10 -10.60
CA TRP D 241 -5.61 23.69 -11.39
C TRP D 241 -5.11 24.17 -12.74
N VAL D 242 -6.04 24.28 -13.68
CA VAL D 242 -5.76 24.73 -15.04
C VAL D 242 -6.89 25.59 -15.57
N VAL D 243 -6.50 26.67 -16.26
CA VAL D 243 -7.47 27.59 -16.82
C VAL D 243 -7.32 27.80 -18.33
N VAL D 244 -8.44 27.64 -19.04
CA VAL D 244 -8.50 27.84 -20.48
C VAL D 244 -9.45 29.03 -20.69
N ALA D 245 -9.24 29.85 -21.71
CA ALA D 245 -10.15 30.99 -21.91
C ALA D 245 -11.35 30.70 -22.85
N TYR D 254 -16.53 21.33 -23.79
CA TYR D 254 -15.30 21.43 -22.94
C TYR D 254 -15.34 20.51 -21.73
N SER D 255 -14.34 19.64 -21.63
CA SER D 255 -14.25 18.70 -20.51
C SER D 255 -12.86 18.75 -19.88
N CYS D 256 -12.81 18.47 -18.59
CA CYS D 256 -11.54 18.45 -17.89
C CYS D 256 -11.13 17.00 -17.70
N HIS D 257 -9.86 16.71 -17.96
CA HIS D 257 -9.36 15.35 -17.81
C HIS D 257 -8.27 15.29 -16.75
N VAL D 258 -8.47 14.41 -15.77
CA VAL D 258 -7.51 14.24 -14.68
C VAL D 258 -6.99 12.80 -14.59
N GLN D 259 -5.66 12.65 -14.70
CA GLN D 259 -5.00 11.36 -14.63
C GLN D 259 -4.15 11.36 -13.37
N HIS D 260 -4.25 10.30 -12.56
CA HIS D 260 -3.46 10.22 -11.33
C HIS D 260 -3.20 8.76 -10.94
N SER D 261 -2.04 8.50 -10.35
CA SER D 261 -1.65 7.16 -9.92
C SER D 261 -2.71 6.43 -9.07
N SER D 262 -3.45 7.18 -8.26
CA SER D 262 -4.47 6.59 -7.41
C SER D 262 -5.71 6.22 -8.20
N LEU D 263 -5.79 6.67 -9.45
CA LEU D 263 -6.95 6.40 -10.28
C LEU D 263 -6.68 5.33 -11.33
N ALA D 264 -7.56 4.34 -11.36
CA ALA D 264 -7.47 3.23 -12.30
C ALA D 264 -7.81 3.72 -13.70
N GLN D 265 -8.69 4.71 -13.74
CA GLN D 265 -9.16 5.26 -15.01
C GLN D 265 -9.18 6.78 -14.95
N PRO D 266 -8.80 7.44 -16.05
CA PRO D 266 -8.81 8.89 -16.02
C PRO D 266 -10.20 9.37 -15.64
N LEU D 267 -10.24 10.44 -14.85
CA LEU D 267 -11.47 11.03 -14.39
C LEU D 267 -11.84 12.19 -15.33
N VAL D 268 -13.04 12.14 -15.90
CA VAL D 268 -13.45 13.23 -16.80
C VAL D 268 -14.68 13.99 -16.30
N VAL D 269 -14.52 15.30 -16.19
CA VAL D 269 -15.59 16.18 -15.76
C VAL D 269 -15.88 17.16 -16.87
N PRO D 270 -17.10 17.10 -17.42
CA PRO D 270 -17.50 18.00 -18.51
C PRO D 270 -17.98 19.31 -17.90
N TRP D 271 -17.83 20.39 -18.64
CA TRP D 271 -18.29 21.67 -18.12
C TRP D 271 -19.57 22.08 -18.81
N GLU D 272 -20.61 22.29 -17.99
CA GLU D 272 -21.95 22.67 -18.44
C GLU D 272 -22.84 21.43 -18.38
#